data_6HKG
#
_entry.id   6HKG
#
_cell.length_a   130.160
_cell.length_b   130.160
_cell.length_c   167.240
_cell.angle_alpha   90.00
_cell.angle_beta   90.00
_cell.angle_gamma   90.00
#
_symmetry.space_group_name_H-M   'P 43 21 2'
#
loop_
_entity.id
_entity.type
_entity.pdbx_description
1 polymer 'FISW84 Fab Fragment Heavy Chain'
2 polymer 'FISW84 Fab Fragment Light Chain'
3 polymer 'FISW84 Fab Fragment Heavy Chain'
4 polymer 'FISW84 Fab Fragment Light Chain'
5 non-polymer 'SULFATE ION'
6 water water
#
loop_
_entity_poly.entity_id
_entity_poly.type
_entity_poly.pdbx_seq_one_letter_code
_entity_poly.pdbx_strand_id
1 'polypeptide(L)'
;EVQLLESGGGLVQPGGSLRLSCAASGFTFSSYGMAWVRQAPGKGLEWVSFISATGLSTYFADSVKGRFTISRDTTKNTLY
LQMNSLRADDTAVYFCARMRRTMIAFGGNDFWGQGTLVTVSSASTKGPSVFPLAPSGTAALGCLVKDYFPEPVTVSWNSG
ALTSGVHTFPAVLQSSGLYSLSSVVTVPSSSLGTQTYICNVNHKPSNTKVDKRVEPK
;
A
2 'polypeptide(L)'
;EVVMTQSPATLSVSPGEGATLSCRASQSVNTNVAWYQQKPGQAPRLLIYGASTRATGIPARFSGSGSGTEFTLTISTLQS
EDFAVYYCQQYSNWPPITFGQGTRLEIKRTVAAPSVFIFPPSDEQLKSGTASVVCLLNNFYPREAKVQWKVDNALQSGNS
QESVTEQDSKDSTYSLSSTLTLSKADYEKHKVYACEVTHQGLSSPVTKSFNRGE
;
B
3 'polypeptide(L)'
;EVQLLESGGGLVQPGGSLRLSCAASGFTFSSYGMAWVRQAPGKGLEWVSFISATGLSTYFADSVKGRFTISRDTTKNTLY
LQMNSLRADDTAVYFCARMRRTMIAFGGNDFWGQGTLVTVSSASTKGPSVFLGCLVKDYFPEPVTVSWNSGATSGVHTFP
AVLQSSGLYSLSSVVTVPYICNVNHKPSNTKVDK
;
C
4 'polypeptide(L)'
;EVVMTQSPATLSVSPGEGATLSCRASQSVNTNVAWYQQKPGQAPRLLIYGASTRATGIPARFSGSGSGTEFTLTISTLQS
EDFAVYYCQQYSNWPPITFGQGTRLEIKRTVAAPSVFIFPPTASVVCLLNNFYPRENSQESVTEQDSKDSTYSLSSTLT
;
D
#
loop_
_chem_comp.id
_chem_comp.type
_chem_comp.name
_chem_comp.formula
SO4 non-polymer 'SULFATE ION' 'O4 S -2'
#
# COMPACT_ATOMS: atom_id res chain seq x y z
N GLU A 1 -6.38 -35.23 -20.14
CA GLU A 1 -5.89 -33.95 -19.66
C GLU A 1 -5.98 -33.88 -18.13
N VAL A 2 -4.97 -33.28 -17.51
CA VAL A 2 -4.96 -33.11 -16.06
C VAL A 2 -5.99 -32.07 -15.66
N GLN A 3 -6.78 -32.38 -14.63
N GLN A 3 -6.76 -32.36 -14.61
CA GLN A 3 -7.70 -31.41 -14.06
CA GLN A 3 -7.67 -31.35 -14.09
C GLN A 3 -7.63 -31.48 -12.55
C GLN A 3 -7.76 -31.47 -12.58
N LEU A 4 -7.70 -30.31 -11.92
CA LEU A 4 -7.76 -30.18 -10.46
C LEU A 4 -8.94 -29.25 -10.21
N LEU A 5 -10.03 -29.79 -9.66
CA LEU A 5 -11.26 -29.02 -9.53
C LEU A 5 -11.54 -28.77 -8.07
N GLU A 6 -11.50 -27.50 -7.66
CA GLU A 6 -11.61 -27.14 -6.26
C GLU A 6 -13.03 -26.71 -5.91
N SER A 7 -13.40 -26.88 -4.66
CA SER A 7 -14.67 -26.36 -4.18
C SER A 7 -14.60 -26.18 -2.68
N GLY A 8 -15.64 -25.58 -2.11
CA GLY A 8 -15.76 -25.40 -0.68
C GLY A 8 -15.63 -23.97 -0.19
N GLY A 9 -15.24 -23.02 -1.02
CA GLY A 9 -15.02 -21.66 -0.53
C GLY A 9 -16.33 -20.98 -0.14
N GLY A 10 -16.24 -19.83 0.50
CA GLY A 10 -17.42 -19.10 0.89
C GLY A 10 -17.11 -18.13 2.00
N LEU A 11 -18.16 -17.49 2.52
CA LEU A 11 -18.09 -16.54 3.63
C LEU A 11 -18.21 -17.29 4.96
N VAL A 12 -17.36 -16.94 5.92
N VAL A 12 -17.32 -16.97 5.91
CA VAL A 12 -17.37 -17.63 7.21
CA VAL A 12 -17.30 -17.63 7.21
C VAL A 12 -17.05 -16.63 8.32
C VAL A 12 -17.07 -16.58 8.29
N GLN A 13 -17.74 -16.77 9.44
CA GLN A 13 -17.49 -15.94 10.61
C GLN A 13 -16.08 -16.17 11.14
N PRO A 14 -15.39 -15.12 11.58
CA PRO A 14 -14.09 -15.33 12.25
C PRO A 14 -14.23 -16.26 13.44
N GLY A 15 -13.25 -17.16 13.60
CA GLY A 15 -13.38 -18.24 14.55
C GLY A 15 -14.02 -19.47 13.98
N GLY A 16 -14.60 -19.38 12.79
CA GLY A 16 -15.29 -20.51 12.19
C GLY A 16 -14.36 -21.45 11.46
N SER A 17 -14.98 -22.43 10.79
CA SER A 17 -14.28 -23.50 10.09
C SER A 17 -14.75 -23.57 8.66
N LEU A 18 -13.93 -24.21 7.82
CA LEU A 18 -14.32 -24.44 6.43
C LEU A 18 -13.48 -25.60 5.91
N ARG A 19 -14.08 -26.45 5.10
N ARG A 19 -14.07 -26.44 5.06
CA ARG A 19 -13.35 -27.52 4.44
CA ARG A 19 -13.35 -27.56 4.44
C ARG A 19 -13.29 -27.23 2.95
C ARG A 19 -13.29 -27.34 2.93
N LEU A 20 -12.08 -27.27 2.38
CA LEU A 20 -11.88 -27.16 0.95
C LEU A 20 -11.55 -28.54 0.39
N SER A 21 -11.93 -28.78 -0.84
CA SER A 21 -11.65 -30.07 -1.48
C SER A 21 -11.13 -29.80 -2.89
N CYS A 22 -10.37 -30.75 -3.42
N CYS A 22 -10.27 -30.68 -3.36
CA CYS A 22 -9.78 -30.61 -4.76
CA CYS A 22 -9.86 -30.66 -4.75
C CYS A 22 -9.78 -31.99 -5.42
C CYS A 22 -9.97 -32.06 -5.28
N ALA A 23 -10.72 -32.23 -6.35
CA ALA A 23 -10.88 -33.52 -7.02
C ALA A 23 -9.90 -33.58 -8.17
N ALA A 24 -9.06 -34.60 -8.19
CA ALA A 24 -8.03 -34.73 -9.21
C ALA A 24 -8.49 -35.70 -10.29
N SER A 25 -8.16 -35.39 -11.54
CA SER A 25 -8.42 -36.37 -12.59
C SER A 25 -7.39 -36.26 -13.69
N GLY A 26 -7.25 -37.35 -14.43
CA GLY A 26 -6.39 -37.40 -15.58
C GLY A 26 -4.93 -37.68 -15.30
N PHE A 27 -4.58 -38.11 -14.09
CA PHE A 27 -3.20 -38.47 -13.79
C PHE A 27 -3.19 -39.46 -12.62
N THR A 28 -2.02 -40.04 -12.34
CA THR A 28 -1.93 -41.06 -11.28
C THR A 28 -1.83 -40.34 -9.94
N PHE A 29 -3.00 -40.08 -9.33
CA PHE A 29 -3.08 -39.18 -8.19
C PHE A 29 -2.14 -39.60 -7.06
N SER A 30 -2.10 -40.89 -6.77
CA SER A 30 -1.37 -41.41 -5.61
C SER A 30 0.16 -41.40 -5.78
N SER A 31 0.68 -41.00 -6.94
N SER A 31 0.70 -41.00 -6.93
CA SER A 31 2.12 -40.90 -7.14
CA SER A 31 2.15 -40.92 -7.05
C SER A 31 2.67 -39.51 -6.88
C SER A 31 2.68 -39.49 -6.93
N TYR A 32 1.82 -38.52 -6.59
CA TYR A 32 2.27 -37.12 -6.51
C TYR A 32 2.00 -36.50 -5.14
N GLY A 33 2.97 -35.74 -4.66
CA GLY A 33 2.70 -34.82 -3.56
C GLY A 33 1.81 -33.68 -4.01
N MET A 34 1.08 -33.09 -3.05
CA MET A 34 0.14 -32.01 -3.37
C MET A 34 0.32 -30.89 -2.37
N ALA A 35 0.02 -29.66 -2.80
CA ALA A 35 0.15 -28.51 -1.92
C ALA A 35 -1.07 -27.62 -2.04
N TRP A 36 -1.30 -26.84 -0.99
CA TRP A 36 -2.25 -25.74 -1.01
C TRP A 36 -1.45 -24.45 -0.92
N VAL A 37 -1.86 -23.48 -1.73
CA VAL A 37 -1.20 -22.18 -1.85
C VAL A 37 -2.32 -21.15 -1.85
N ARG A 38 -2.12 -20.02 -1.19
CA ARG A 38 -3.22 -19.06 -1.19
C ARG A 38 -2.72 -17.69 -1.64
N GLN A 39 -3.68 -16.84 -2.01
CA GLN A 39 -3.40 -15.51 -2.55
C GLN A 39 -4.45 -14.54 -2.03
N ALA A 40 -4.06 -13.69 -1.10
CA ALA A 40 -5.00 -12.70 -0.60
C ALA A 40 -5.28 -11.67 -1.71
N PRO A 41 -6.47 -11.06 -1.71
CA PRO A 41 -6.80 -10.11 -2.78
C PRO A 41 -5.72 -9.05 -2.94
N GLY A 42 -5.21 -8.92 -4.16
CA GLY A 42 -4.19 -7.94 -4.49
C GLY A 42 -2.77 -8.25 -4.03
N LYS A 43 -2.54 -9.41 -3.44
N LYS A 43 -2.53 -9.41 -3.43
CA LYS A 43 -1.21 -9.79 -2.93
CA LYS A 43 -1.21 -9.78 -2.94
C LYS A 43 -0.65 -10.97 -3.73
C LYS A 43 -0.63 -10.94 -3.75
N GLY A 44 0.52 -11.44 -3.31
CA GLY A 44 1.21 -12.53 -3.97
C GLY A 44 0.84 -13.90 -3.42
N LEU A 45 1.57 -14.90 -3.90
CA LEU A 45 1.33 -16.29 -3.54
C LEU A 45 2.01 -16.63 -2.23
N GLU A 46 1.32 -17.41 -1.40
CA GLU A 46 1.85 -17.86 -0.10
C GLU A 46 1.54 -19.34 0.10
N TRP A 47 2.57 -20.14 0.37
CA TRP A 47 2.34 -21.58 0.57
C TRP A 47 1.65 -21.83 1.91
N VAL A 48 0.69 -22.77 1.92
CA VAL A 48 -0.12 -23.08 3.10
C VAL A 48 0.25 -24.44 3.68
N SER A 49 0.21 -25.49 2.86
CA SER A 49 0.30 -26.84 3.39
C SER A 49 0.75 -27.79 2.29
N PHE A 50 1.29 -28.93 2.69
CA PHE A 50 1.81 -29.95 1.80
C PHE A 50 1.47 -31.33 2.35
N ILE A 51 1.15 -32.26 1.47
CA ILE A 51 1.00 -33.66 1.89
C ILE A 51 1.68 -34.53 0.86
N SER A 52 2.47 -35.50 1.33
CA SER A 52 3.24 -36.34 0.44
C SER A 52 2.31 -37.33 -0.28
N ALA A 53 2.87 -37.96 -1.32
CA ALA A 53 2.14 -38.92 -2.13
C ALA A 53 1.51 -40.03 -1.29
N THR A 54 2.26 -40.56 -0.33
CA THR A 54 1.71 -41.60 0.54
C THR A 54 0.71 -41.06 1.55
N GLY A 55 0.73 -39.76 1.83
CA GLY A 55 -0.03 -39.22 2.93
C GLY A 55 0.68 -39.25 4.25
N LEU A 56 1.90 -39.79 4.30
CA LEU A 56 2.57 -39.96 5.59
C LEU A 56 3.21 -38.68 6.09
N SER A 57 3.61 -37.77 5.21
CA SER A 57 4.28 -36.54 5.62
C SER A 57 3.39 -35.36 5.30
N THR A 58 3.16 -34.50 6.30
CA THR A 58 2.41 -33.27 6.11
C THR A 58 3.22 -32.12 6.70
N TYR A 59 3.17 -30.97 6.04
CA TYR A 59 3.86 -29.76 6.52
C TYR A 59 2.92 -28.57 6.40
N PHE A 60 3.13 -27.57 7.26
CA PHE A 60 2.25 -26.41 7.31
C PHE A 60 3.06 -25.14 7.48
N ALA A 61 2.54 -24.05 6.91
CA ALA A 61 3.09 -22.73 7.22
C ALA A 61 2.92 -22.42 8.71
N ASP A 62 3.89 -21.70 9.27
CA ASP A 62 3.85 -21.35 10.69
C ASP A 62 2.54 -20.69 11.08
N SER A 63 1.97 -19.85 10.21
CA SER A 63 0.80 -19.09 10.59
C SER A 63 -0.49 -19.92 10.62
N VAL A 64 -0.47 -21.16 10.13
CA VAL A 64 -1.67 -22.00 10.19
C VAL A 64 -1.48 -23.24 11.04
N LYS A 65 -0.30 -23.44 11.62
CA LYS A 65 -0.05 -24.62 12.44
C LYS A 65 -1.00 -24.68 13.63
N GLY A 66 -1.53 -25.87 13.90
CA GLY A 66 -2.49 -26.04 14.96
C GLY A 66 -3.91 -25.66 14.60
N ARG A 67 -4.13 -25.07 13.44
CA ARG A 67 -5.46 -24.66 13.01
C ARG A 67 -5.93 -25.35 11.75
N PHE A 68 -5.02 -25.72 10.85
CA PHE A 68 -5.39 -26.36 9.59
C PHE A 68 -4.96 -27.82 9.63
N THR A 69 -5.70 -28.68 8.94
CA THR A 69 -5.27 -30.04 8.70
C THR A 69 -5.45 -30.37 7.22
N ILE A 70 -4.68 -31.35 6.74
CA ILE A 70 -4.68 -31.68 5.32
C ILE A 70 -4.80 -33.20 5.20
N SER A 71 -5.44 -33.66 4.14
CA SER A 71 -5.51 -35.11 3.97
C SER A 71 -5.84 -35.42 2.52
N ARG A 72 -5.83 -36.72 2.20
CA ARG A 72 -6.09 -37.13 0.84
C ARG A 72 -6.79 -38.45 0.87
N ASP A 73 -7.61 -38.70 -0.16
CA ASP A 73 -8.45 -39.88 -0.21
C ASP A 73 -8.21 -40.63 -1.53
N THR A 74 -8.16 -41.94 -1.45
CA THR A 74 -7.95 -42.77 -2.63
C THR A 74 -9.24 -43.33 -3.21
N THR A 75 -10.36 -43.18 -2.52
CA THR A 75 -11.62 -43.67 -3.09
C THR A 75 -12.32 -42.58 -3.90
N LYS A 76 -11.95 -41.33 -3.71
CA LYS A 76 -12.47 -40.22 -4.49
C LYS A 76 -11.37 -39.44 -5.19
N ASN A 77 -10.11 -39.87 -5.09
CA ASN A 77 -8.91 -39.14 -5.54
C ASN A 77 -9.07 -37.64 -5.27
N THR A 78 -9.25 -37.33 -4.00
CA THR A 78 -9.53 -35.96 -3.59
C THR A 78 -8.54 -35.53 -2.52
N LEU A 79 -8.14 -34.26 -2.56
CA LEU A 79 -7.30 -33.60 -1.56
C LEU A 79 -8.17 -32.69 -0.72
N TYR A 80 -7.96 -32.66 0.60
CA TYR A 80 -8.78 -31.83 1.50
C TYR A 80 -7.92 -30.90 2.32
N LEU A 81 -8.48 -29.72 2.61
CA LEU A 81 -7.90 -28.80 3.58
C LEU A 81 -8.98 -28.44 4.59
N GLN A 82 -8.79 -28.80 5.84
CA GLN A 82 -9.72 -28.42 6.89
C GLN A 82 -9.14 -27.21 7.62
N MET A 83 -9.87 -26.10 7.59
CA MET A 83 -9.42 -24.88 8.24
C MET A 83 -10.29 -24.63 9.46
N ASN A 84 -9.66 -24.41 10.60
CA ASN A 84 -10.37 -24.06 11.84
C ASN A 84 -9.84 -22.72 12.36
N SER A 85 -10.61 -22.14 13.29
CA SER A 85 -10.23 -20.90 13.97
C SER A 85 -9.81 -19.83 12.96
N LEU A 86 -10.63 -19.66 11.94
CA LEU A 86 -10.29 -18.76 10.85
C LEU A 86 -10.24 -17.32 11.33
N ARG A 87 -9.29 -16.57 10.79
CA ARG A 87 -9.11 -15.15 11.09
C ARG A 87 -9.28 -14.35 9.80
N ALA A 88 -9.51 -13.04 9.96
CA ALA A 88 -9.69 -12.17 8.78
C ALA A 88 -8.53 -12.30 7.80
N ASP A 89 -7.31 -12.46 8.30
CA ASP A 89 -6.16 -12.54 7.41
C ASP A 89 -6.05 -13.87 6.69
N ASP A 90 -6.97 -14.81 6.92
CA ASP A 90 -7.03 -16.01 6.10
C ASP A 90 -7.83 -15.81 4.82
N THR A 91 -8.45 -14.64 4.65
CA THR A 91 -9.22 -14.34 3.44
C THR A 91 -8.29 -14.37 2.23
N ALA A 92 -8.67 -15.14 1.20
CA ALA A 92 -7.78 -15.38 0.05
C ALA A 92 -8.45 -16.34 -0.91
N VAL A 93 -7.91 -16.38 -2.12
CA VAL A 93 -8.18 -17.49 -3.05
C VAL A 93 -7.22 -18.61 -2.70
N TYR A 94 -7.75 -19.82 -2.50
CA TYR A 94 -6.94 -20.99 -2.18
C TYR A 94 -6.82 -21.86 -3.41
N PHE A 95 -5.59 -22.18 -3.81
CA PHE A 95 -5.30 -23.03 -4.96
C PHE A 95 -4.72 -24.35 -4.48
N CYS A 96 -5.11 -25.45 -5.13
N CYS A 96 -5.11 -25.41 -5.16
CA CYS A 96 -4.40 -26.70 -4.97
CA CYS A 96 -4.43 -26.69 -5.03
C CYS A 96 -3.41 -26.84 -6.13
C CYS A 96 -3.38 -26.78 -6.13
N ALA A 97 -2.25 -27.42 -5.84
CA ALA A 97 -1.19 -27.55 -6.84
C ALA A 97 -0.47 -28.89 -6.69
N ARG A 98 -0.09 -29.47 -7.81
CA ARG A 98 0.65 -30.74 -7.83
C ARG A 98 2.15 -30.46 -7.84
N MET A 99 2.92 -31.15 -6.98
CA MET A 99 4.38 -31.05 -7.08
C MET A 99 4.87 -31.88 -8.26
N ARG A 100 5.85 -31.35 -8.99
CA ARG A 100 6.25 -32.00 -10.24
C ARG A 100 6.92 -33.35 -9.99
N ARG A 101 7.72 -33.45 -8.94
CA ARG A 101 8.52 -34.66 -8.66
C ARG A 101 8.45 -34.95 -7.16
N THR A 102 8.67 -36.21 -6.78
CA THR A 102 8.56 -36.57 -5.37
C THR A 102 9.84 -36.35 -4.56
N MET A 103 10.92 -35.91 -5.20
CA MET A 103 12.12 -35.57 -4.45
C MET A 103 11.86 -34.38 -3.53
N ILE A 104 12.73 -34.23 -2.53
CA ILE A 104 12.71 -33.03 -1.70
C ILE A 104 12.74 -31.78 -2.57
N ALA A 105 13.67 -31.75 -3.53
CA ALA A 105 13.72 -30.69 -4.54
C ALA A 105 12.65 -31.01 -5.58
N PHE A 106 11.42 -30.60 -5.31
CA PHE A 106 10.29 -31.16 -6.07
C PHE A 106 10.13 -30.59 -7.47
N GLY A 107 10.91 -29.58 -7.86
CA GLY A 107 10.95 -29.16 -9.25
C GLY A 107 9.80 -28.29 -9.70
N GLY A 108 9.13 -27.59 -8.79
CA GLY A 108 8.06 -26.68 -9.13
C GLY A 108 6.70 -27.36 -9.09
N ASN A 109 5.66 -26.55 -9.34
CA ASN A 109 4.26 -26.99 -9.31
C ASN A 109 3.69 -26.90 -10.72
N ASP A 110 3.50 -28.05 -11.37
CA ASP A 110 3.23 -28.03 -12.80
C ASP A 110 1.76 -27.92 -13.16
N PHE A 111 0.85 -28.24 -12.25
CA PHE A 111 -0.57 -28.08 -12.52
C PHE A 111 -1.23 -27.52 -11.29
N TRP A 112 -2.16 -26.59 -11.50
CA TRP A 112 -2.86 -25.85 -10.44
C TRP A 112 -4.36 -25.90 -10.68
N GLY A 113 -5.13 -25.97 -9.59
CA GLY A 113 -6.56 -25.79 -9.69
C GLY A 113 -6.90 -24.35 -10.02
N GLN A 114 -8.20 -24.11 -10.22
CA GLN A 114 -8.66 -22.78 -10.59
C GLN A 114 -8.84 -21.86 -9.38
N GLY A 115 -8.78 -22.40 -8.17
CA GLY A 115 -8.88 -21.54 -7.01
C GLY A 115 -10.30 -21.42 -6.49
N THR A 116 -10.43 -21.29 -5.18
CA THR A 116 -11.74 -21.04 -4.56
C THR A 116 -11.57 -19.93 -3.52
N LEU A 117 -12.51 -18.99 -3.51
CA LEU A 117 -12.40 -17.79 -2.67
C LEU A 117 -12.97 -18.06 -1.28
N VAL A 118 -12.19 -17.72 -0.26
CA VAL A 118 -12.61 -17.80 1.14
C VAL A 118 -12.60 -16.40 1.72
N THR A 119 -13.75 -15.96 2.28
CA THR A 119 -13.85 -14.63 2.89
C THR A 119 -14.17 -14.82 4.36
N VAL A 120 -13.32 -14.29 5.23
CA VAL A 120 -13.54 -14.41 6.67
C VAL A 120 -13.96 -13.03 7.16
N SER A 121 -15.21 -12.90 7.57
CA SER A 121 -15.75 -11.60 7.97
C SER A 121 -17.02 -11.81 8.79
N SER A 122 -17.29 -10.89 9.71
CA SER A 122 -18.55 -10.95 10.45
C SER A 122 -19.68 -10.18 9.77
N ALA A 123 -19.39 -9.49 8.68
CA ALA A 123 -20.42 -8.71 7.98
C ALA A 123 -21.44 -9.64 7.30
N SER A 124 -22.67 -9.15 7.20
CA SER A 124 -23.77 -9.94 6.65
C SER A 124 -23.73 -9.96 5.13
N THR A 125 -24.11 -11.09 4.55
CA THR A 125 -24.32 -11.18 3.11
C THR A 125 -25.36 -10.16 2.68
N LYS A 126 -25.13 -9.53 1.52
CA LYS A 126 -26.05 -8.51 1.03
C LYS A 126 -26.07 -8.56 -0.50
N GLY A 127 -27.25 -8.75 -1.07
CA GLY A 127 -27.39 -8.81 -2.51
C GLY A 127 -27.37 -7.42 -3.13
N PRO A 128 -26.96 -7.34 -4.40
CA PRO A 128 -26.79 -6.02 -5.03
C PRO A 128 -28.08 -5.43 -5.57
N SER A 129 -28.10 -4.11 -5.67
CA SER A 129 -29.10 -3.42 -6.45
C SER A 129 -28.52 -3.15 -7.84
N VAL A 130 -29.32 -3.34 -8.88
CA VAL A 130 -28.84 -3.24 -10.25
C VAL A 130 -29.58 -2.10 -10.93
N PHE A 131 -28.83 -1.13 -11.44
CA PHE A 131 -29.40 0.06 -12.05
C PHE A 131 -28.86 0.24 -13.47
N PRO A 132 -29.68 0.72 -14.40
CA PRO A 132 -29.21 0.92 -15.77
C PRO A 132 -28.38 2.19 -15.94
N LEU A 133 -27.38 2.10 -16.81
CA LEU A 133 -26.63 3.26 -17.30
C LEU A 133 -27.12 3.48 -18.74
N ALA A 134 -28.04 4.40 -18.91
CA ALA A 134 -28.76 4.45 -20.18
C ALA A 134 -27.98 5.25 -21.22
N PRO A 135 -28.02 4.83 -22.49
CA PRO A 135 -27.28 5.57 -23.53
C PRO A 135 -27.91 6.94 -23.75
N SER A 136 -27.05 7.91 -24.03
CA SER A 136 -27.50 9.30 -24.19
C SER A 136 -28.08 9.56 -25.60
N GLY A 137 -22.24 6.44 -35.57
CA GLY A 137 -21.77 6.82 -34.25
C GLY A 137 -21.72 5.68 -33.25
N THR A 138 -21.01 5.88 -32.15
CA THR A 138 -20.84 4.88 -31.11
C THR A 138 -21.55 5.34 -29.83
N ALA A 139 -22.44 4.51 -29.31
CA ALA A 139 -23.09 4.75 -28.04
C ALA A 139 -22.52 3.81 -26.98
N ALA A 140 -22.63 4.23 -25.73
CA ALA A 140 -22.27 3.38 -24.61
C ALA A 140 -23.47 3.23 -23.70
N LEU A 141 -23.62 2.06 -23.10
CA LEU A 141 -24.66 1.84 -22.12
C LEU A 141 -24.12 0.82 -21.12
N GLY A 142 -24.82 0.63 -20.02
CA GLY A 142 -24.31 -0.32 -19.04
C GLY A 142 -25.23 -0.50 -17.85
N CYS A 143 -24.68 -1.15 -16.81
N CYS A 143 -24.70 -1.17 -16.84
CA CYS A 143 -25.41 -1.49 -15.60
CA CYS A 143 -25.41 -1.39 -15.60
C CYS A 143 -24.53 -1.27 -14.38
C CYS A 143 -24.48 -1.07 -14.45
N LEU A 144 -25.08 -0.57 -13.39
CA LEU A 144 -24.39 -0.29 -12.14
C LEU A 144 -24.86 -1.32 -11.12
N VAL A 145 -23.93 -2.04 -10.54
CA VAL A 145 -24.24 -3.11 -9.60
C VAL A 145 -23.75 -2.64 -8.23
N LYS A 146 -24.67 -2.19 -7.38
CA LYS A 146 -24.31 -1.37 -6.23
C LYS A 146 -24.57 -2.11 -4.92
N ASP A 147 -23.62 -2.01 -3.99
CA ASP A 147 -23.79 -2.29 -2.57
C ASP A 147 -24.02 -3.77 -2.25
N TYR A 148 -23.03 -4.62 -2.47
CA TYR A 148 -23.19 -6.04 -2.18
C TYR A 148 -22.02 -6.54 -1.35
N PHE A 149 -22.20 -7.74 -0.78
CA PHE A 149 -21.19 -8.38 0.03
C PHE A 149 -21.58 -9.85 0.15
N PRO A 150 -20.62 -10.80 0.09
CA PRO A 150 -19.22 -10.56 -0.26
C PRO A 150 -19.01 -10.60 -1.77
N GLU A 151 -17.76 -10.54 -2.21
CA GLU A 151 -17.46 -10.86 -3.59
C GLU A 151 -17.66 -12.35 -3.84
N PRO A 152 -17.84 -12.76 -5.11
CA PRO A 152 -17.85 -11.99 -6.35
C PRO A 152 -19.26 -11.84 -6.94
N VAL A 153 -19.37 -10.96 -7.93
CA VAL A 153 -20.53 -10.86 -8.81
C VAL A 153 -20.05 -11.17 -10.23
N THR A 154 -20.88 -11.88 -10.99
CA THR A 154 -20.60 -12.02 -12.41
C THR A 154 -21.65 -11.28 -13.23
N VAL A 155 -21.25 -10.79 -14.39
CA VAL A 155 -22.12 -10.01 -15.26
C VAL A 155 -21.95 -10.51 -16.69
N SER A 156 -23.07 -10.67 -17.39
CA SER A 156 -23.03 -10.97 -18.81
C SER A 156 -24.06 -10.10 -19.50
N TRP A 157 -23.95 -10.00 -20.82
CA TRP A 157 -24.89 -9.24 -21.64
C TRP A 157 -25.60 -10.17 -22.61
N ASN A 158 -26.93 -10.07 -22.66
CA ASN A 158 -27.76 -10.87 -23.55
C ASN A 158 -27.39 -12.35 -23.46
N SER A 159 -27.32 -12.84 -22.22
CA SER A 159 -27.08 -14.25 -21.89
C SER A 159 -25.75 -14.77 -22.44
N GLY A 160 -24.81 -13.89 -22.75
CA GLY A 160 -23.52 -14.31 -23.28
C GLY A 160 -23.38 -14.12 -24.77
N ALA A 161 -24.47 -13.77 -25.47
CA ALA A 161 -24.40 -13.46 -26.89
C ALA A 161 -23.49 -12.25 -27.13
N LEU A 162 -23.63 -11.21 -26.31
CA LEU A 162 -22.89 -9.97 -26.50
C LEU A 162 -21.63 -10.01 -25.66
N THR A 163 -20.47 -10.14 -26.33
CA THR A 163 -19.18 -10.07 -25.66
C THR A 163 -18.26 -9.01 -26.24
N SER A 164 -18.49 -8.58 -27.47
CA SER A 164 -17.64 -7.61 -28.13
C SER A 164 -17.92 -6.21 -27.57
N GLY A 165 -16.86 -5.54 -27.13
CA GLY A 165 -17.00 -4.21 -26.58
C GLY A 165 -17.54 -4.15 -25.16
N VAL A 166 -17.54 -5.26 -24.43
CA VAL A 166 -18.01 -5.30 -23.05
C VAL A 166 -16.81 -5.05 -22.13
N HIS A 167 -16.98 -4.16 -21.16
CA HIS A 167 -16.00 -3.98 -20.09
C HIS A 167 -16.72 -4.09 -18.76
N THR A 168 -16.33 -5.06 -17.96
CA THR A 168 -16.83 -5.18 -16.60
C THR A 168 -15.71 -4.82 -15.64
N PHE A 169 -15.95 -3.83 -14.81
CA PHE A 169 -14.87 -3.27 -14.00
C PHE A 169 -14.65 -4.07 -12.73
N PRO A 170 -13.42 -4.11 -12.22
CA PRO A 170 -13.18 -4.65 -10.86
C PRO A 170 -14.02 -3.87 -9.86
N ALA A 171 -14.49 -4.58 -8.84
CA ALA A 171 -15.32 -3.96 -7.81
C ALA A 171 -14.49 -2.98 -6.99
N VAL A 172 -15.14 -1.92 -6.51
CA VAL A 172 -14.51 -1.02 -5.57
C VAL A 172 -15.09 -1.31 -4.19
N LEU A 173 -14.22 -1.28 -3.19
CA LEU A 173 -14.65 -1.34 -1.81
C LEU A 173 -15.00 0.08 -1.37
N GLN A 174 -16.26 0.28 -1.00
CA GLN A 174 -16.73 1.60 -0.60
C GLN A 174 -16.47 1.83 0.88
N SER A 175 -16.62 3.09 1.32
CA SER A 175 -16.37 3.39 2.73
C SER A 175 -17.36 2.67 3.64
N SER A 176 -18.54 2.33 3.13
CA SER A 176 -19.52 1.52 3.88
C SER A 176 -19.03 0.10 4.17
N GLY A 177 -18.00 -0.37 3.48
CA GLY A 177 -17.62 -1.77 3.57
C GLY A 177 -18.31 -2.69 2.56
N LEU A 178 -19.19 -2.16 1.72
CA LEU A 178 -19.81 -2.91 0.64
C LEU A 178 -19.09 -2.65 -0.68
N TYR A 179 -19.30 -3.54 -1.64
CA TYR A 179 -18.69 -3.44 -2.96
C TYR A 179 -19.68 -2.85 -3.96
N SER A 180 -19.15 -2.25 -5.02
CA SER A 180 -19.94 -1.87 -6.18
C SER A 180 -19.10 -2.09 -7.42
N LEU A 181 -19.77 -2.40 -8.52
CA LEU A 181 -19.07 -2.43 -9.80
C LEU A 181 -19.98 -1.96 -10.91
N SER A 182 -19.40 -1.76 -12.08
CA SER A 182 -20.13 -1.40 -13.28
C SER A 182 -19.71 -2.33 -14.42
N SER A 183 -20.64 -2.54 -15.36
CA SER A 183 -20.35 -3.19 -16.62
C SER A 183 -20.90 -2.32 -17.73
N VAL A 184 -20.13 -2.12 -18.79
CA VAL A 184 -20.52 -1.23 -19.87
C VAL A 184 -20.26 -1.94 -21.19
N VAL A 185 -20.98 -1.52 -22.22
CA VAL A 185 -20.72 -2.01 -23.56
C VAL A 185 -20.89 -0.85 -24.53
N THR A 186 -20.05 -0.83 -25.56
CA THR A 186 -20.17 0.13 -26.64
C THR A 186 -20.86 -0.54 -27.82
N VAL A 187 -21.85 0.13 -28.38
CA VAL A 187 -22.65 -0.42 -29.49
C VAL A 187 -22.83 0.67 -30.53
N PRO A 188 -23.25 0.29 -31.74
CA PRO A 188 -23.61 1.32 -32.73
C PRO A 188 -24.87 2.06 -32.32
N SER A 189 -24.87 3.37 -32.58
CA SER A 189 -26.06 4.19 -32.35
C SER A 189 -27.25 3.67 -33.15
N SER A 190 -26.99 3.07 -34.32
CA SER A 190 -28.06 2.60 -35.20
C SER A 190 -28.97 1.61 -34.49
N SER A 191 -28.41 0.76 -33.63
CA SER A 191 -29.12 -0.36 -33.05
C SER A 191 -29.82 -0.03 -31.74
N LEU A 192 -29.87 1.26 -31.35
CA LEU A 192 -30.52 1.59 -30.09
C LEU A 192 -32.03 1.45 -30.14
N GLY A 193 -32.63 1.35 -31.33
CA GLY A 193 -34.04 1.09 -31.44
C GLY A 193 -34.31 -0.38 -31.67
N THR A 194 -33.66 -0.95 -32.69
CA THR A 194 -33.86 -2.36 -33.05
C THR A 194 -33.50 -3.28 -31.90
N GLN A 195 -32.27 -3.16 -31.39
CA GLN A 195 -31.66 -4.19 -30.56
C GLN A 195 -32.00 -4.01 -29.09
N THR A 196 -32.32 -5.11 -28.43
CA THR A 196 -32.53 -5.15 -26.99
C THR A 196 -31.21 -5.48 -26.29
N TYR A 197 -30.91 -4.75 -25.21
CA TYR A 197 -29.71 -4.99 -24.41
C TYR A 197 -30.12 -5.31 -22.99
N ILE A 198 -29.71 -6.49 -22.51
CA ILE A 198 -30.08 -6.99 -21.19
C ILE A 198 -28.81 -7.37 -20.46
N CYS A 199 -28.63 -6.84 -19.25
N CYS A 199 -28.65 -6.84 -19.26
CA CYS A 199 -27.48 -7.21 -18.44
CA CYS A 199 -27.54 -7.19 -18.40
C CYS A 199 -27.91 -8.26 -17.42
C CYS A 199 -27.98 -8.31 -17.47
N ASN A 200 -27.17 -9.37 -17.37
CA ASN A 200 -27.45 -10.50 -16.50
C ASN A 200 -26.48 -10.48 -15.33
N VAL A 201 -27.00 -10.31 -14.12
CA VAL A 201 -26.18 -10.17 -12.92
C VAL A 201 -26.46 -11.34 -12.00
N ASN A 202 -25.39 -11.98 -11.52
CA ASN A 202 -25.48 -13.17 -10.66
C ASN A 202 -24.61 -12.96 -9.44
N HIS A 203 -25.21 -13.01 -8.26
CA HIS A 203 -24.49 -12.93 -6.98
C HIS A 203 -24.79 -14.21 -6.22
N LYS A 204 -23.99 -15.25 -6.49
CA LYS A 204 -24.23 -16.54 -5.83
C LYS A 204 -24.21 -16.50 -4.31
N PRO A 205 -23.37 -15.70 -3.63
CA PRO A 205 -23.41 -15.69 -2.16
C PRO A 205 -24.77 -15.35 -1.56
N SER A 206 -25.60 -14.57 -2.25
CA SER A 206 -26.93 -14.23 -1.77
C SER A 206 -28.04 -14.84 -2.62
N ASN A 207 -27.70 -15.76 -3.52
CA ASN A 207 -28.65 -16.38 -4.46
C ASN A 207 -29.48 -15.32 -5.19
N THR A 208 -28.81 -14.30 -5.70
CA THR A 208 -29.45 -13.22 -6.43
C THR A 208 -29.14 -13.34 -7.91
N LYS A 209 -30.18 -13.36 -8.74
CA LYS A 209 -30.05 -13.28 -10.19
C LYS A 209 -30.94 -12.15 -10.67
N VAL A 210 -30.41 -11.26 -11.50
CA VAL A 210 -31.17 -10.13 -12.02
C VAL A 210 -30.91 -10.04 -13.52
N ASP A 211 -31.96 -9.79 -14.28
CA ASP A 211 -31.86 -9.45 -15.69
C ASP A 211 -32.49 -8.06 -15.85
N LYS A 212 -31.71 -7.12 -16.35
CA LYS A 212 -32.15 -5.74 -16.45
C LYS A 212 -32.00 -5.29 -17.90
N ARG A 213 -33.12 -4.88 -18.49
CA ARG A 213 -33.09 -4.30 -19.81
C ARG A 213 -32.65 -2.83 -19.72
N VAL A 214 -31.75 -2.45 -20.60
CA VAL A 214 -31.19 -1.10 -20.62
C VAL A 214 -31.65 -0.43 -21.91
N GLU A 215 -32.44 0.63 -21.77
CA GLU A 215 -33.06 1.31 -22.90
C GLU A 215 -32.85 2.81 -22.80
N PRO A 216 -32.88 3.52 -23.92
CA PRO A 216 -32.81 4.99 -23.88
C PRO A 216 -33.94 5.58 -23.04
N LYS A 217 -33.63 6.62 -22.28
CA LYS A 217 -34.57 7.20 -21.32
C LYS A 217 -35.68 8.03 -21.95
N GLU B 1 13.37 -18.75 7.16
CA GLU B 1 12.90 -18.98 5.80
C GLU B 1 13.80 -18.27 4.77
N VAL B 2 13.76 -18.76 3.54
CA VAL B 2 14.50 -18.15 2.44
C VAL B 2 13.62 -17.06 1.85
N VAL B 3 14.05 -15.81 1.98
CA VAL B 3 13.31 -14.68 1.43
C VAL B 3 13.73 -14.51 -0.03
N MET B 4 12.74 -14.44 -0.92
CA MET B 4 12.96 -14.21 -2.34
C MET B 4 12.48 -12.80 -2.64
N THR B 5 13.37 -11.94 -3.12
CA THR B 5 13.00 -10.58 -3.46
C THR B 5 13.10 -10.39 -4.97
N GLN B 6 11.98 -10.11 -5.60
CA GLN B 6 11.96 -9.86 -7.02
C GLN B 6 12.10 -8.36 -7.29
N SER B 7 12.62 -8.03 -8.46
CA SER B 7 12.72 -6.64 -8.87
C SER B 7 12.72 -6.57 -10.39
N PRO B 8 12.22 -5.48 -10.98
CA PRO B 8 11.57 -4.38 -10.27
C PRO B 8 10.13 -4.81 -9.94
N ALA B 9 9.40 -4.08 -9.10
CA ALA B 9 8.05 -4.52 -8.78
C ALA B 9 7.12 -4.42 -9.99
N THR B 10 7.35 -3.44 -10.86
N THR B 10 7.39 -3.46 -10.88
CA THR B 10 6.57 -3.27 -12.07
CA THR B 10 6.57 -3.18 -12.05
C THR B 10 7.52 -3.01 -13.22
C THR B 10 7.49 -2.93 -13.23
N LEU B 11 7.13 -3.46 -14.39
CA LEU B 11 7.91 -3.28 -15.61
C LEU B 11 6.97 -2.99 -16.77
N SER B 12 7.37 -2.08 -17.65
CA SER B 12 6.59 -1.71 -18.83
C SER B 12 7.51 -1.78 -20.04
N VAL B 13 7.17 -2.63 -21.02
CA VAL B 13 8.07 -2.92 -22.14
C VAL B 13 7.31 -2.85 -23.47
N SER B 14 8.01 -2.40 -24.52
CA SER B 14 7.41 -2.26 -25.84
C SER B 14 7.24 -3.62 -26.52
N PRO B 15 6.21 -3.78 -27.34
CA PRO B 15 6.05 -5.06 -28.06
C PRO B 15 7.25 -5.31 -28.96
N GLY B 16 7.63 -6.60 -29.07
CA GLY B 16 8.79 -6.98 -29.86
C GLY B 16 10.11 -6.85 -29.16
N GLU B 17 10.18 -6.13 -28.04
CA GLU B 17 11.42 -6.01 -27.29
C GLU B 17 11.49 -7.10 -26.23
N GLY B 18 12.57 -7.10 -25.45
CA GLY B 18 12.76 -8.07 -24.40
C GLY B 18 12.52 -7.51 -23.00
N ALA B 19 12.09 -8.37 -22.11
CA ALA B 19 11.91 -8.03 -20.70
C ALA B 19 12.86 -8.87 -19.86
N THR B 20 13.48 -8.24 -18.86
CA THR B 20 14.40 -8.92 -17.95
C THR B 20 13.86 -8.76 -16.53
N LEU B 21 13.57 -9.88 -15.89
CA LEU B 21 13.03 -9.93 -14.53
C LEU B 21 14.05 -10.60 -13.61
N SER B 22 14.23 -10.05 -12.42
CA SER B 22 15.25 -10.55 -11.52
C SER B 22 14.65 -11.05 -10.21
N CYS B 23 15.39 -11.95 -9.59
N CYS B 23 15.36 -11.96 -9.56
CA CYS B 23 15.05 -12.53 -8.30
CA CYS B 23 15.04 -12.38 -8.21
C CYS B 23 16.34 -12.77 -7.54
C CYS B 23 16.33 -12.73 -7.48
N ARG B 24 16.32 -12.51 -6.24
N ARG B 24 16.42 -12.30 -6.23
CA ARG B 24 17.49 -12.65 -5.40
CA ARG B 24 17.55 -12.60 -5.35
C ARG B 24 17.08 -13.35 -4.11
C ARG B 24 17.03 -13.39 -4.15
N ALA B 25 17.75 -14.46 -3.80
CA ALA B 25 17.43 -15.25 -2.62
C ALA B 25 18.32 -14.82 -1.46
N SER B 26 17.77 -14.90 -0.24
CA SER B 26 18.53 -14.48 0.93
C SER B 26 19.65 -15.46 1.32
N GLN B 27 19.68 -16.64 0.73
CA GLN B 27 20.81 -17.55 0.88
C GLN B 27 20.82 -18.43 -0.37
N SER B 28 21.93 -19.15 -0.58
CA SER B 28 22.05 -19.92 -1.80
C SER B 28 20.94 -20.96 -1.88
N VAL B 29 20.31 -21.06 -3.05
CA VAL B 29 19.33 -22.11 -3.31
C VAL B 29 19.77 -22.99 -4.50
N ASN B 30 21.06 -22.93 -4.86
CA ASN B 30 21.63 -23.65 -6.00
C ASN B 30 20.84 -23.34 -7.28
N THR B 31 20.26 -24.35 -7.93
CA THR B 31 19.37 -24.10 -9.06
C THR B 31 17.95 -24.56 -8.79
N ASN B 32 17.58 -24.66 -7.52
CA ASN B 32 16.25 -25.14 -7.13
C ASN B 32 15.24 -23.99 -7.12
N VAL B 33 14.98 -23.47 -8.31
CA VAL B 33 14.14 -22.29 -8.49
C VAL B 33 13.19 -22.52 -9.67
N ALA B 34 11.96 -22.02 -9.55
CA ALA B 34 10.97 -22.09 -10.61
C ALA B 34 10.38 -20.71 -10.86
N TRP B 35 9.89 -20.49 -12.07
CA TRP B 35 9.20 -19.24 -12.39
C TRP B 35 7.79 -19.54 -12.89
N TYR B 36 6.86 -18.63 -12.57
CA TYR B 36 5.44 -18.78 -12.89
C TYR B 36 4.92 -17.51 -13.53
N GLN B 37 3.92 -17.69 -14.40
CA GLN B 37 3.19 -16.59 -15.01
C GLN B 37 1.76 -16.65 -14.50
N GLN B 38 1.22 -15.52 -14.03
CA GLN B 38 -0.18 -15.51 -13.61
C GLN B 38 -0.94 -14.38 -14.31
N LYS B 39 -1.87 -14.74 -15.18
CA LYS B 39 -2.74 -13.76 -15.81
C LYS B 39 -3.97 -13.49 -14.93
N PRO B 40 -4.61 -12.33 -15.10
CA PRO B 40 -5.71 -11.94 -14.22
C PRO B 40 -6.83 -12.97 -14.18
N GLY B 41 -7.25 -13.29 -12.96
CA GLY B 41 -8.33 -14.23 -12.75
C GLY B 41 -7.97 -15.67 -12.96
N GLN B 42 -6.70 -15.99 -13.21
CA GLN B 42 -6.28 -17.34 -13.50
C GLN B 42 -5.29 -17.83 -12.45
N ALA B 43 -5.08 -19.14 -12.46
CA ALA B 43 -4.07 -19.81 -11.65
C ALA B 43 -2.70 -19.56 -12.26
N PRO B 44 -1.64 -19.63 -11.46
CA PRO B 44 -0.28 -19.57 -12.01
C PRO B 44 -0.02 -20.69 -13.01
N ARG B 45 0.91 -20.43 -13.93
CA ARG B 45 1.34 -21.39 -14.93
C ARG B 45 2.85 -21.54 -14.81
N LEU B 46 3.32 -22.76 -14.62
CA LEU B 46 4.76 -23.00 -14.54
C LEU B 46 5.44 -22.71 -15.89
N LEU B 47 6.48 -21.85 -15.86
CA LEU B 47 7.26 -21.51 -17.04
C LEU B 47 8.60 -22.23 -17.09
N ILE B 48 9.34 -22.18 -15.99
CA ILE B 48 10.74 -22.61 -15.92
C ILE B 48 10.93 -23.32 -14.59
N TYR B 49 11.68 -24.42 -14.58
CA TYR B 49 12.11 -25.01 -13.32
C TYR B 49 13.59 -25.37 -13.41
N GLY B 50 14.18 -25.70 -12.27
CA GLY B 50 15.62 -25.92 -12.25
C GLY B 50 16.39 -24.70 -12.73
N ALA B 51 15.83 -23.51 -12.51
CA ALA B 51 16.40 -22.22 -12.88
C ALA B 51 16.40 -21.98 -14.39
N SER B 52 16.61 -23.02 -15.20
CA SER B 52 16.78 -22.81 -16.63
C SER B 52 16.03 -23.78 -17.54
N THR B 53 15.28 -24.73 -17.01
CA THR B 53 14.61 -25.71 -17.87
C THR B 53 13.19 -25.25 -18.19
N ARG B 54 12.89 -25.13 -19.48
CA ARG B 54 11.56 -24.73 -19.92
C ARG B 54 10.53 -25.83 -19.68
N ALA B 55 9.39 -25.49 -19.08
CA ALA B 55 8.36 -26.50 -18.88
C ALA B 55 7.71 -26.89 -20.21
N THR B 56 7.10 -28.08 -20.23
CA THR B 56 6.45 -28.56 -21.44
C THR B 56 5.38 -27.59 -21.90
N GLY B 57 5.36 -27.29 -23.19
CA GLY B 57 4.39 -26.40 -23.77
C GLY B 57 4.73 -24.92 -23.70
N ILE B 58 5.88 -24.56 -23.15
CA ILE B 58 6.21 -23.15 -22.94
C ILE B 58 7.05 -22.64 -24.11
N PRO B 59 6.68 -21.51 -24.74
CA PRO B 59 7.42 -21.05 -25.93
C PRO B 59 8.88 -20.76 -25.64
N ALA B 60 9.71 -20.88 -26.67
CA ALA B 60 11.16 -20.70 -26.51
C ALA B 60 11.55 -19.27 -26.17
N ARG B 61 10.65 -18.30 -26.37
N ARG B 61 10.65 -18.30 -26.37
CA ARG B 61 10.99 -16.93 -26.01
CA ARG B 61 10.99 -16.93 -26.01
C ARG B 61 11.11 -16.72 -24.50
C ARG B 61 11.09 -16.70 -24.50
N PHE B 62 10.66 -17.66 -23.68
CA PHE B 62 10.86 -17.61 -22.23
C PHE B 62 12.14 -18.37 -21.88
N SER B 63 13.04 -17.72 -21.15
N SER B 63 13.04 -17.72 -21.15
CA SER B 63 14.31 -18.33 -20.77
CA SER B 63 14.30 -18.36 -20.77
C SER B 63 14.67 -17.94 -19.35
C SER B 63 14.69 -17.94 -19.37
N GLY B 64 15.26 -18.86 -18.61
CA GLY B 64 15.69 -18.60 -17.25
C GLY B 64 17.18 -18.87 -17.10
N SER B 65 17.81 -18.14 -16.17
CA SER B 65 19.23 -18.39 -15.91
C SER B 65 19.54 -18.05 -14.46
N GLY B 66 20.73 -18.45 -14.03
CA GLY B 66 21.24 -18.09 -12.73
C GLY B 66 21.50 -19.30 -11.85
N SER B 67 22.14 -19.02 -10.72
CA SER B 67 22.58 -20.05 -9.80
C SER B 67 22.93 -19.38 -8.47
N GLY B 68 22.74 -20.11 -7.38
CA GLY B 68 23.12 -19.61 -6.07
C GLY B 68 22.11 -18.65 -5.47
N THR B 69 22.31 -17.34 -5.62
CA THR B 69 21.38 -16.37 -5.06
C THR B 69 20.75 -15.45 -6.09
N GLU B 70 21.16 -15.52 -7.36
CA GLU B 70 20.79 -14.54 -8.39
C GLU B 70 20.16 -15.25 -9.57
N PHE B 71 18.91 -14.89 -9.90
CA PHE B 71 18.16 -15.57 -10.94
C PHE B 71 17.47 -14.57 -11.84
N THR B 72 17.36 -14.94 -13.11
CA THR B 72 16.82 -14.05 -14.14
C THR B 72 15.85 -14.80 -15.03
N LEU B 73 14.75 -14.16 -15.36
CA LEU B 73 13.80 -14.64 -16.36
C LEU B 73 13.81 -13.62 -17.49
N THR B 74 14.10 -14.09 -18.70
CA THR B 74 14.12 -13.22 -19.88
C THR B 74 12.98 -13.61 -20.79
N ILE B 75 12.21 -12.62 -21.25
CA ILE B 75 11.11 -12.86 -22.18
C ILE B 75 11.44 -12.06 -23.43
N SER B 76 11.77 -12.74 -24.51
N SER B 76 11.74 -12.74 -24.52
CA SER B 76 12.07 -12.08 -25.78
CA SER B 76 12.06 -12.09 -25.78
C SER B 76 10.79 -11.89 -26.60
C SER B 76 10.81 -11.96 -26.66
N THR B 77 10.90 -11.05 -27.62
CA THR B 77 9.80 -10.70 -28.54
C THR B 77 8.45 -10.62 -27.83
N LEU B 78 8.37 -9.69 -26.87
CA LEU B 78 7.14 -9.52 -26.10
C LEU B 78 5.92 -9.32 -26.99
N GLN B 79 4.81 -9.94 -26.59
CA GLN B 79 3.50 -9.77 -27.23
C GLN B 79 2.50 -9.25 -26.20
N SER B 80 1.40 -8.68 -26.69
CA SER B 80 0.39 -8.12 -25.79
C SER B 80 -0.16 -9.16 -24.83
N GLU B 81 -0.20 -10.42 -25.25
CA GLU B 81 -0.70 -11.49 -24.40
C GLU B 81 0.24 -11.83 -23.25
N ASP B 82 1.46 -11.31 -23.23
CA ASP B 82 2.37 -11.60 -22.11
C ASP B 82 2.09 -10.75 -20.88
N PHE B 83 1.13 -9.82 -20.94
CA PHE B 83 0.71 -9.08 -19.75
C PHE B 83 0.35 -10.04 -18.64
N ALA B 84 1.01 -9.91 -17.48
CA ALA B 84 0.83 -10.88 -16.40
C ALA B 84 1.69 -10.45 -15.21
N VAL B 85 1.48 -11.13 -14.08
CA VAL B 85 2.39 -11.05 -12.94
C VAL B 85 3.26 -12.29 -12.96
N TYR B 86 4.56 -12.13 -12.77
CA TYR B 86 5.52 -13.23 -12.81
C TYR B 86 6.10 -13.43 -11.43
N TYR B 87 6.11 -14.68 -10.95
CA TYR B 87 6.57 -15.01 -9.61
C TYR B 87 7.73 -15.98 -9.70
N CYS B 88 8.72 -15.80 -8.83
N CYS B 88 8.68 -15.84 -8.76
CA CYS B 88 9.70 -16.86 -8.65
CA CYS B 88 9.79 -16.76 -8.58
C CYS B 88 9.34 -17.69 -7.42
C CYS B 88 9.61 -17.56 -7.29
N GLN B 89 9.97 -18.86 -7.32
CA GLN B 89 9.74 -19.77 -6.19
C GLN B 89 11.04 -20.51 -5.89
N GLN B 90 11.34 -20.75 -4.61
CA GLN B 90 12.47 -21.64 -4.30
C GLN B 90 11.97 -22.91 -3.64
N TYR B 91 12.60 -24.03 -3.98
CA TYR B 91 12.27 -25.31 -3.36
C TYR B 91 13.53 -26.00 -2.89
N SER B 92 14.53 -25.20 -2.50
CA SER B 92 15.79 -25.73 -2.02
C SER B 92 15.76 -25.96 -0.52
N ASN B 93 15.08 -25.09 0.22
CA ASN B 93 15.08 -25.13 1.67
C ASN B 93 13.64 -24.94 2.12
N TRP B 94 12.99 -26.00 2.57
CA TRP B 94 11.58 -25.91 2.94
C TRP B 94 11.26 -27.06 3.88
N PRO B 95 10.17 -26.93 4.67
CA PRO B 95 9.24 -25.80 4.81
C PRO B 95 9.84 -24.54 5.49
N PRO B 96 9.33 -23.34 5.17
CA PRO B 96 8.28 -23.09 4.18
C PRO B 96 8.82 -23.02 2.75
N ILE B 97 8.00 -23.44 1.79
CA ILE B 97 8.20 -23.10 0.39
C ILE B 97 7.92 -21.62 0.26
N THR B 98 8.82 -20.87 -0.39
CA THR B 98 8.65 -19.42 -0.46
C THR B 98 8.64 -18.91 -1.89
N PHE B 99 7.88 -17.83 -2.10
CA PHE B 99 7.72 -17.19 -3.39
C PHE B 99 8.23 -15.77 -3.31
N GLY B 100 8.71 -15.25 -4.44
CA GLY B 100 8.94 -13.82 -4.53
C GLY B 100 7.61 -13.07 -4.52
N GLN B 101 7.68 -11.75 -4.40
CA GLN B 101 6.45 -10.98 -4.24
C GLN B 101 5.77 -10.67 -5.58
N GLY B 102 6.36 -11.08 -6.69
CA GLY B 102 5.81 -10.87 -8.03
C GLY B 102 6.33 -9.62 -8.71
N THR B 103 6.42 -9.67 -10.05
CA THR B 103 6.69 -8.50 -10.87
C THR B 103 5.55 -8.38 -11.87
N ARG B 104 4.92 -7.21 -11.94
CA ARG B 104 3.84 -6.97 -12.88
C ARG B 104 4.43 -6.44 -14.20
N LEU B 105 4.15 -7.14 -15.30
CA LEU B 105 4.65 -6.73 -16.62
C LEU B 105 3.50 -6.10 -17.42
N GLU B 106 3.63 -4.83 -17.76
CA GLU B 106 2.70 -4.16 -18.66
C GLU B 106 3.31 -4.11 -20.05
N ILE B 107 2.47 -4.19 -21.08
CA ILE B 107 2.91 -4.10 -22.48
C ILE B 107 2.53 -2.74 -23.03
N LYS B 108 3.49 -2.01 -23.56
CA LYS B 108 3.22 -0.70 -24.12
C LYS B 108 2.54 -0.81 -25.47
N ARG B 109 1.87 0.27 -25.86
CA ARG B 109 1.31 0.38 -27.21
C ARG B 109 1.32 1.86 -27.60
N THR B 110 0.79 2.12 -28.80
CA THR B 110 0.57 3.49 -29.27
C THR B 110 -0.36 4.25 -28.33
N VAL B 111 -0.02 5.52 -28.05
CA VAL B 111 -0.90 6.36 -27.24
C VAL B 111 -2.29 6.39 -27.85
N ALA B 112 -3.32 6.22 -27.00
CA ALA B 112 -4.69 6.28 -27.46
C ALA B 112 -5.49 7.12 -26.47
N ALA B 113 -6.16 8.16 -26.98
CA ALA B 113 -6.98 9.01 -26.14
C ALA B 113 -8.29 8.29 -25.79
N PRO B 114 -8.83 8.52 -24.58
CA PRO B 114 -10.09 7.88 -24.21
C PRO B 114 -11.27 8.50 -24.96
N SER B 115 -12.28 7.67 -25.24
CA SER B 115 -13.62 8.17 -25.52
C SER B 115 -14.32 8.33 -24.19
N VAL B 116 -15.01 9.45 -23.99
CA VAL B 116 -15.56 9.81 -22.68
C VAL B 116 -17.08 9.80 -22.78
N PHE B 117 -17.73 9.19 -21.79
CA PHE B 117 -19.19 9.13 -21.71
C PHE B 117 -19.62 9.44 -20.28
N ILE B 118 -20.74 10.16 -20.12
CA ILE B 118 -21.24 10.46 -18.77
C ILE B 118 -22.66 9.95 -18.65
N PHE B 119 -23.02 9.44 -17.46
CA PHE B 119 -24.32 8.79 -17.25
C PHE B 119 -25.01 9.41 -16.04
N PRO B 120 -26.21 9.95 -16.18
CA PRO B 120 -26.96 10.43 -15.00
C PRO B 120 -27.46 9.26 -14.18
N PRO B 121 -27.89 9.50 -12.94
CA PRO B 121 -28.51 8.43 -12.15
C PRO B 121 -29.86 8.03 -12.74
N SER B 122 -30.19 6.76 -12.59
CA SER B 122 -31.51 6.28 -12.99
C SER B 122 -32.58 6.81 -12.03
N ASP B 123 -33.81 6.93 -12.55
CA ASP B 123 -34.92 7.26 -11.66
C ASP B 123 -35.15 6.17 -10.62
N GLU B 124 -34.86 4.91 -10.98
N GLU B 124 -34.87 4.91 -10.98
CA GLU B 124 -35.00 3.82 -10.01
CA GLU B 124 -34.97 3.81 -10.04
C GLU B 124 -34.08 4.02 -8.82
C GLU B 124 -34.09 4.02 -8.82
N GLN B 125 -32.82 4.41 -9.05
CA GLN B 125 -31.90 4.62 -7.93
C GLN B 125 -32.34 5.82 -7.08
N LEU B 126 -32.88 6.85 -7.71
CA LEU B 126 -33.27 8.03 -6.95
C LEU B 126 -34.35 7.72 -5.92
N LYS B 127 -35.17 6.69 -6.17
CA LYS B 127 -36.14 6.27 -5.16
C LYS B 127 -35.46 5.84 -3.86
N SER B 128 -34.19 5.42 -3.93
CA SER B 128 -33.50 4.89 -2.75
C SER B 128 -32.83 5.95 -1.88
N GLY B 129 -32.78 7.21 -2.32
CA GLY B 129 -32.13 8.26 -1.55
C GLY B 129 -30.69 8.56 -1.93
N THR B 130 -30.11 7.81 -2.85
CA THR B 130 -28.75 8.04 -3.33
C THR B 130 -28.78 8.24 -4.84
N ALA B 131 -27.79 8.98 -5.35
CA ALA B 131 -27.63 9.20 -6.77
C ALA B 131 -26.18 8.93 -7.12
N SER B 132 -25.95 8.07 -8.10
CA SER B 132 -24.61 7.81 -8.62
C SER B 132 -24.51 8.40 -10.02
N VAL B 133 -23.52 9.26 -10.24
CA VAL B 133 -23.20 9.76 -11.57
C VAL B 133 -21.93 9.06 -11.99
N VAL B 134 -21.91 8.52 -13.21
CA VAL B 134 -20.81 7.68 -13.69
C VAL B 134 -20.19 8.31 -14.92
N CYS B 135 -18.85 8.31 -14.99
N CYS B 135 -18.87 8.37 -14.92
CA CYS B 135 -18.09 8.82 -16.14
CA CYS B 135 -18.10 8.72 -16.10
C CYS B 135 -17.16 7.70 -16.63
C CYS B 135 -17.39 7.46 -16.58
N LEU B 136 -17.33 7.30 -17.89
CA LEU B 136 -16.60 6.18 -18.49
C LEU B 136 -15.53 6.73 -19.43
N LEU B 137 -14.28 6.27 -19.26
CA LEU B 137 -13.17 6.54 -20.17
C LEU B 137 -12.84 5.24 -20.85
N ASN B 138 -13.08 5.15 -22.14
CA ASN B 138 -12.99 3.85 -22.81
C ASN B 138 -11.76 3.75 -23.70
N ASN B 139 -11.01 2.65 -23.56
CA ASN B 139 -9.99 2.17 -24.50
C ASN B 139 -8.88 3.19 -24.73
N PHE B 140 -8.08 3.41 -23.68
CA PHE B 140 -7.03 4.42 -23.75
C PHE B 140 -5.70 3.82 -23.31
N TYR B 141 -4.61 4.57 -23.59
CA TYR B 141 -3.27 4.22 -23.18
C TYR B 141 -2.43 5.49 -23.25
N PRO B 142 -1.55 5.76 -22.28
CA PRO B 142 -1.23 4.96 -21.09
C PRO B 142 -2.30 5.02 -20.00
N ARG B 143 -2.06 4.28 -18.91
CA ARG B 143 -3.07 4.11 -17.88
C ARG B 143 -3.31 5.40 -17.09
N GLU B 144 -2.28 6.22 -16.92
CA GLU B 144 -2.41 7.48 -16.18
C GLU B 144 -3.44 8.40 -16.83
N ALA B 145 -4.41 8.83 -16.04
CA ALA B 145 -5.44 9.76 -16.48
C ALA B 145 -5.95 10.47 -15.25
N LYS B 146 -6.41 11.70 -15.43
CA LYS B 146 -6.98 12.47 -14.34
C LYS B 146 -8.42 12.78 -14.69
N VAL B 147 -9.31 12.51 -13.74
CA VAL B 147 -10.74 12.70 -13.92
C VAL B 147 -11.22 13.55 -12.75
N GLN B 148 -11.82 14.71 -13.06
CA GLN B 148 -12.31 15.59 -12.00
C GLN B 148 -13.76 15.94 -12.25
N TRP B 149 -14.54 15.97 -11.16
CA TRP B 149 -15.96 16.23 -11.24
C TRP B 149 -16.24 17.66 -10.85
N LYS B 150 -17.14 18.31 -11.61
CA LYS B 150 -17.67 19.62 -11.24
C LYS B 150 -19.19 19.58 -11.25
N VAL B 151 -19.79 20.14 -10.21
CA VAL B 151 -21.25 20.25 -10.06
C VAL B 151 -21.57 21.73 -9.95
N ASP B 152 -22.30 22.27 -10.93
CA ASP B 152 -22.51 23.72 -11.08
C ASP B 152 -21.21 24.50 -10.86
N ASN B 153 -20.17 24.04 -11.55
CA ASN B 153 -18.82 24.60 -11.60
C ASN B 153 -18.02 24.40 -10.31
N ALA B 154 -18.57 23.74 -9.28
CA ALA B 154 -17.83 23.51 -8.04
C ALA B 154 -17.08 22.19 -8.13
N LEU B 155 -15.76 22.24 -7.93
CA LEU B 155 -14.95 21.04 -7.96
C LEU B 155 -15.30 20.12 -6.81
N GLN B 156 -15.51 18.84 -7.10
CA GLN B 156 -15.89 17.87 -6.08
C GLN B 156 -14.68 17.17 -5.50
N SER B 157 -14.72 16.96 -4.19
CA SER B 157 -13.65 16.29 -3.46
C SER B 157 -14.23 15.30 -2.46
N GLY B 158 -13.61 14.12 -2.38
CA GLY B 158 -13.95 13.18 -1.33
C GLY B 158 -15.20 12.36 -1.56
N ASN B 159 -15.82 12.42 -2.75
CA ASN B 159 -17.09 11.74 -2.97
C ASN B 159 -17.09 10.99 -4.30
N SER B 160 -15.91 10.61 -4.78
CA SER B 160 -15.84 9.81 -6.00
C SER B 160 -14.83 8.70 -5.80
N GLN B 161 -15.03 7.62 -6.55
CA GLN B 161 -14.06 6.52 -6.58
C GLN B 161 -13.89 6.06 -8.01
N GLU B 162 -12.71 5.57 -8.34
N GLU B 162 -12.72 5.51 -8.31
CA GLU B 162 -12.46 5.12 -9.71
CA GLU B 162 -12.36 5.12 -9.66
C GLU B 162 -12.01 3.67 -9.72
C GLU B 162 -12.00 3.64 -9.70
N SER B 163 -12.30 2.99 -10.83
CA SER B 163 -11.90 1.61 -11.07
C SER B 163 -11.37 1.52 -12.49
N VAL B 164 -10.32 0.72 -12.70
CA VAL B 164 -9.63 0.58 -13.97
C VAL B 164 -9.59 -0.91 -14.35
N THR B 165 -9.90 -1.21 -15.61
CA THR B 165 -9.86 -2.61 -16.03
C THR B 165 -8.41 -3.11 -16.04
N GLU B 166 -8.26 -4.43 -16.12
CA GLU B 166 -6.95 -4.98 -16.41
C GLU B 166 -6.58 -4.61 -17.83
N GLN B 167 -5.28 -4.54 -18.10
CA GLN B 167 -4.85 -4.24 -19.46
C GLN B 167 -5.41 -5.30 -20.42
N ASP B 168 -5.99 -4.86 -21.53
CA ASP B 168 -6.57 -5.79 -22.50
C ASP B 168 -5.48 -6.64 -23.15
N SER B 169 -5.67 -7.96 -23.15
CA SER B 169 -4.60 -8.84 -23.62
C SER B 169 -4.44 -8.81 -25.14
N LYS B 170 -5.43 -8.31 -25.85
CA LYS B 170 -5.39 -8.21 -27.30
C LYS B 170 -4.86 -6.86 -27.78
N ASP B 171 -5.40 -5.74 -27.28
CA ASP B 171 -4.98 -4.43 -27.80
C ASP B 171 -4.24 -3.56 -26.79
N SER B 172 -4.01 -4.05 -25.58
CA SER B 172 -3.19 -3.41 -24.54
C SER B 172 -3.78 -2.09 -24.03
N THR B 173 -5.07 -1.83 -24.24
CA THR B 173 -5.69 -0.63 -23.70
C THR B 173 -6.31 -0.87 -22.34
N TYR B 174 -6.66 0.24 -21.69
CA TYR B 174 -7.37 0.30 -20.43
C TYR B 174 -8.72 0.99 -20.60
N SER B 175 -9.63 0.73 -19.67
CA SER B 175 -10.84 1.53 -19.52
C SER B 175 -10.96 1.88 -18.06
N LEU B 176 -11.67 2.97 -17.78
CA LEU B 176 -11.75 3.51 -16.43
C LEU B 176 -13.17 4.00 -16.19
N SER B 177 -13.65 3.82 -14.95
N SER B 177 -13.65 3.75 -14.97
CA SER B 177 -14.98 4.28 -14.57
CA SER B 177 -14.90 4.31 -14.52
C SER B 177 -14.90 5.02 -13.24
C SER B 177 -14.60 5.21 -13.34
N SER B 178 -15.37 6.28 -13.23
CA SER B 178 -15.37 7.12 -12.04
C SER B 178 -16.82 7.31 -11.64
N THR B 179 -17.13 7.11 -10.35
CA THR B 179 -18.48 7.22 -9.84
C THR B 179 -18.53 8.32 -8.79
N LEU B 180 -19.35 9.32 -9.03
CA LEU B 180 -19.62 10.37 -8.07
C LEU B 180 -20.89 10.00 -7.33
N THR B 181 -20.84 9.97 -6.00
CA THR B 181 -21.96 9.54 -5.17
C THR B 181 -22.49 10.74 -4.38
N LEU B 182 -23.78 11.03 -4.54
CA LEU B 182 -24.45 12.12 -3.84
C LEU B 182 -25.74 11.60 -3.24
N SER B 183 -26.21 12.31 -2.21
CA SER B 183 -27.57 12.05 -1.75
C SER B 183 -28.56 12.55 -2.80
N LYS B 184 -29.77 11.99 -2.77
CA LYS B 184 -30.81 12.47 -3.67
C LYS B 184 -31.06 13.96 -3.50
N ALA B 185 -31.15 14.43 -2.25
CA ALA B 185 -31.45 15.84 -2.01
C ALA B 185 -30.39 16.75 -2.63
N ASP B 186 -29.11 16.41 -2.48
N ASP B 186 -29.11 16.40 -2.47
CA ASP B 186 -28.06 17.21 -3.09
CA ASP B 186 -28.05 17.18 -3.09
C ASP B 186 -28.15 17.12 -4.62
C ASP B 186 -28.15 17.11 -4.61
N TYR B 187 -28.42 15.92 -5.15
CA TYR B 187 -28.53 15.77 -6.60
C TYR B 187 -29.64 16.64 -7.17
N GLU B 188 -30.76 16.76 -6.45
CA GLU B 188 -31.88 17.56 -6.94
C GLU B 188 -31.67 19.07 -6.78
N LYS B 189 -30.74 19.50 -5.93
CA LYS B 189 -30.46 20.93 -5.80
C LYS B 189 -29.69 21.48 -7.00
N HIS B 190 -28.85 20.66 -7.60
CA HIS B 190 -27.89 21.15 -8.57
C HIS B 190 -28.32 20.76 -9.97
N LYS B 191 -27.72 21.43 -10.96
CA LYS B 191 -28.19 21.32 -12.33
C LYS B 191 -27.16 20.73 -13.28
N VAL B 192 -25.95 21.28 -13.31
CA VAL B 192 -24.97 20.93 -14.33
C VAL B 192 -23.97 19.97 -13.70
N TYR B 193 -23.84 18.78 -14.28
CA TYR B 193 -22.94 17.73 -13.80
C TYR B 193 -21.92 17.47 -14.90
N ALA B 194 -20.65 17.66 -14.59
CA ALA B 194 -19.62 17.57 -15.62
C ALA B 194 -18.42 16.80 -15.12
N CYS B 195 -17.81 16.00 -16.00
N CYS B 195 -17.81 16.06 -16.02
CA CYS B 195 -16.55 15.32 -15.67
CA CYS B 195 -16.59 15.34 -15.76
C CYS B 195 -15.49 15.74 -16.66
C CYS B 195 -15.51 15.87 -16.69
N GLU B 196 -14.34 16.15 -16.16
CA GLU B 196 -13.23 16.70 -16.93
C GLU B 196 -12.09 15.70 -16.94
N VAL B 197 -11.59 15.37 -18.14
CA VAL B 197 -10.62 14.30 -18.32
C VAL B 197 -9.32 14.88 -18.86
N THR B 198 -8.20 14.53 -18.23
CA THR B 198 -6.87 14.89 -18.67
C THR B 198 -6.11 13.61 -18.99
N HIS B 199 -5.43 13.59 -20.14
CA HIS B 199 -4.73 12.39 -20.59
C HIS B 199 -3.70 12.78 -21.64
N GLN B 200 -2.61 12.00 -21.68
CA GLN B 200 -1.53 12.28 -22.62
C GLN B 200 -2.00 12.32 -24.08
N GLY B 201 -3.01 11.53 -24.43
CA GLY B 201 -3.44 11.60 -25.82
C GLY B 201 -4.39 12.72 -26.18
N LEU B 202 -4.74 13.59 -25.23
CA LEU B 202 -5.65 14.70 -25.44
C LEU B 202 -4.86 16.01 -25.45
N SER B 203 -4.96 16.76 -26.54
CA SER B 203 -4.28 18.06 -26.62
C SER B 203 -4.74 18.99 -25.51
N SER B 204 -6.02 18.94 -25.15
CA SER B 204 -6.56 19.73 -24.06
C SER B 204 -7.59 18.89 -23.33
N PRO B 205 -7.91 19.25 -22.08
CA PRO B 205 -8.92 18.48 -21.33
C PRO B 205 -10.24 18.37 -22.07
N VAL B 206 -10.91 17.24 -21.88
CA VAL B 206 -12.20 16.95 -22.49
C VAL B 206 -13.25 16.95 -21.39
N THR B 207 -14.33 17.68 -21.60
CA THR B 207 -15.42 17.78 -20.64
C THR B 207 -16.68 17.18 -21.25
N LYS B 208 -17.34 16.31 -20.51
CA LYS B 208 -18.67 15.85 -20.87
C LYS B 208 -19.61 16.21 -19.72
N SER B 209 -20.81 16.65 -20.07
CA SER B 209 -21.71 17.12 -19.03
C SER B 209 -23.14 16.80 -19.41
N PHE B 210 -24.04 16.94 -18.42
CA PHE B 210 -25.47 16.92 -18.67
C PHE B 210 -26.11 17.88 -17.70
N ASN B 211 -27.33 18.30 -18.02
CA ASN B 211 -28.15 19.12 -17.12
C ASN B 211 -29.25 18.23 -16.57
N ARG B 212 -29.36 18.19 -15.23
CA ARG B 212 -30.44 17.43 -14.63
C ARG B 212 -31.78 17.96 -15.12
N GLY B 213 -32.70 17.04 -15.43
CA GLY B 213 -34.02 17.41 -15.89
C GLY B 213 -34.12 17.75 -17.36
N GLU B 214 -33.02 17.66 -18.11
CA GLU B 214 -33.07 17.97 -19.53
C GLU B 214 -32.63 16.77 -20.37
N GLU C 1 17.70 25.34 -8.23
CA GLU C 1 17.49 24.39 -7.15
C GLU C 1 16.32 24.83 -6.28
N VAL C 2 15.28 24.02 -6.25
CA VAL C 2 14.10 24.34 -5.46
C VAL C 2 14.39 24.03 -4.01
N GLN C 3 13.97 24.94 -3.13
CA GLN C 3 14.16 24.72 -1.71
C GLN C 3 13.00 25.34 -0.96
N LEU C 4 12.63 24.74 0.16
CA LEU C 4 11.68 25.31 1.11
C LEU C 4 12.39 25.53 2.43
N LEU C 5 12.27 26.73 2.99
CA LEU C 5 13.03 27.13 4.17
C LEU C 5 12.06 27.66 5.21
N GLU C 6 11.91 26.93 6.32
CA GLU C 6 10.95 27.28 7.35
C GLU C 6 11.60 27.95 8.55
N SER C 7 10.78 28.66 9.32
CA SER C 7 11.23 29.29 10.55
C SER C 7 10.01 29.65 11.39
N GLY C 8 10.29 30.08 12.63
CA GLY C 8 9.26 30.57 13.52
C GLY C 8 8.92 29.65 14.68
N GLY C 9 9.51 28.45 14.74
CA GLY C 9 9.23 27.54 15.82
C GLY C 9 9.77 28.03 17.15
N GLY C 10 9.38 27.36 18.22
CA GLY C 10 9.85 27.73 19.54
C GLY C 10 8.92 27.21 20.62
N LEU C 11 9.14 27.72 21.83
CA LEU C 11 8.38 27.31 23.00
C LEU C 11 7.23 28.29 23.22
N VAL C 12 6.04 27.76 23.49
CA VAL C 12 4.83 28.57 23.68
C VAL C 12 4.04 28.00 24.86
N GLN C 13 3.42 28.88 25.61
CA GLN C 13 2.59 28.39 26.70
C GLN C 13 1.21 27.99 26.17
N PRO C 14 0.51 27.07 26.83
CA PRO C 14 -0.81 26.66 26.34
C PRO C 14 -1.77 27.83 26.27
N GLY C 15 -2.58 27.84 25.21
CA GLY C 15 -3.45 28.97 24.92
C GLY C 15 -2.79 30.07 24.10
N GLY C 16 -1.47 30.04 23.96
CA GLY C 16 -0.76 31.06 23.22
C GLY C 16 -0.85 30.88 21.71
N SER C 17 -0.09 31.71 21.01
CA SER C 17 -0.12 31.82 19.55
C SER C 17 1.29 31.79 19.00
N LEU C 18 1.40 31.34 17.76
CA LEU C 18 2.69 31.24 17.07
C LEU C 18 2.45 31.34 15.57
N ARG C 19 3.35 32.03 14.88
N ARG C 19 3.37 32.00 14.88
CA ARG C 19 3.30 32.12 13.42
CA ARG C 19 3.30 32.13 13.43
C ARG C 19 4.52 31.43 12.85
C ARG C 19 4.52 31.46 12.81
N LEU C 20 4.29 30.45 11.98
CA LEU C 20 5.35 29.79 11.23
C LEU C 20 5.40 30.34 9.81
N SER C 21 6.60 30.38 9.25
N SER C 21 6.59 30.38 9.24
CA SER C 21 6.86 30.86 7.89
CA SER C 21 6.78 30.93 7.91
C SER C 21 7.50 29.75 7.06
C SER C 21 7.57 29.94 7.06
N CYS C 22 7.43 29.91 5.73
N CYS C 22 7.19 29.84 5.79
CA CYS C 22 8.02 28.92 4.82
CA CYS C 22 7.97 29.07 4.84
C CYS C 22 8.34 29.67 3.53
C CYS C 22 8.33 29.98 3.68
N ALA C 23 9.60 30.06 3.36
CA ALA C 23 10.05 30.84 2.21
C ALA C 23 10.43 29.88 1.09
N ALA C 24 9.95 30.17 -0.11
CA ALA C 24 10.25 29.38 -1.28
C ALA C 24 11.49 29.94 -1.97
N SER C 25 12.30 29.06 -2.52
CA SER C 25 13.48 29.45 -3.25
C SER C 25 13.50 28.67 -4.57
N GLY C 26 13.71 29.38 -5.67
CA GLY C 26 13.80 28.76 -6.98
C GLY C 26 12.46 28.48 -7.66
N PHE C 27 11.34 28.86 -7.06
CA PHE C 27 10.01 28.75 -7.67
C PHE C 27 9.09 29.72 -6.93
N THR C 28 7.88 29.90 -7.43
CA THR C 28 6.93 30.77 -6.73
C THR C 28 5.67 30.01 -6.37
N PHE C 29 5.08 30.38 -5.23
CA PHE C 29 3.92 29.69 -4.68
C PHE C 29 2.70 29.80 -5.58
N SER C 30 2.66 30.78 -6.48
CA SER C 30 1.51 30.88 -7.37
C SER C 30 1.40 29.72 -8.35
N SER C 31 2.42 28.88 -8.46
CA SER C 31 2.35 27.75 -9.37
C SER C 31 2.10 26.42 -8.68
N TYR C 32 2.10 26.36 -7.36
CA TYR C 32 2.06 25.09 -6.65
C TYR C 32 1.17 25.17 -5.43
N GLY C 33 0.36 24.13 -5.22
CA GLY C 33 -0.26 23.94 -3.92
C GLY C 33 0.77 23.61 -2.86
N MET C 34 0.44 23.96 -1.61
CA MET C 34 1.34 23.77 -0.48
C MET C 34 0.58 23.19 0.69
N ALA C 35 1.25 22.36 1.49
CA ALA C 35 0.64 21.73 2.65
C ALA C 35 1.55 21.90 3.86
N TRP C 36 0.94 21.92 5.03
CA TRP C 36 1.66 21.75 6.27
C TRP C 36 1.37 20.37 6.84
N VAL C 37 2.41 19.73 7.37
CA VAL C 37 2.33 18.37 7.91
C VAL C 37 3.12 18.38 9.21
N ARG C 38 2.61 17.72 10.25
CA ARG C 38 3.35 17.74 11.51
C ARG C 38 3.63 16.33 12.00
N GLN C 39 4.60 16.24 12.90
CA GLN C 39 5.06 14.96 13.44
C GLN C 39 5.33 15.13 14.93
N ALA C 40 4.43 14.60 15.76
CA ALA C 40 4.67 14.65 17.20
C ALA C 40 5.87 13.77 17.55
N PRO C 41 6.55 14.06 18.67
CA PRO C 41 7.76 13.29 19.02
C PRO C 41 7.49 11.80 19.11
N GLY C 42 8.23 11.02 18.32
CA GLY C 42 8.10 9.58 18.31
C GLY C 42 6.92 9.02 17.53
N LYS C 43 6.23 9.85 16.76
CA LYS C 43 5.01 9.44 16.07
C LYS C 43 5.17 9.63 14.56
N GLY C 44 4.07 9.41 13.83
CA GLY C 44 4.07 9.50 12.40
C GLY C 44 3.68 10.88 11.89
N LEU C 45 3.46 10.95 10.57
CA LEU C 45 3.11 12.17 9.89
C LEU C 45 1.61 12.40 9.95
N GLU C 46 1.21 13.64 10.13
CA GLU C 46 -0.20 14.01 10.24
C GLU C 46 -0.40 15.29 9.44
N TRP C 47 -1.30 15.23 8.47
CA TRP C 47 -1.57 16.41 7.65
C TRP C 47 -2.32 17.46 8.47
N VAL C 48 -1.97 18.74 8.25
CA VAL C 48 -2.48 19.87 9.03
C VAL C 48 -3.33 20.81 8.17
N SER C 49 -2.78 21.26 7.04
CA SER C 49 -3.52 22.22 6.22
C SER C 49 -2.96 22.28 4.80
N PHE C 50 -3.71 22.98 3.95
CA PHE C 50 -3.45 23.04 2.52
C PHE C 50 -3.89 24.40 2.01
N ILE C 51 -3.12 24.99 1.10
CA ILE C 51 -3.59 26.14 0.31
C ILE C 51 -3.27 25.90 -1.15
N SER C 52 -4.25 26.15 -2.03
CA SER C 52 -4.06 25.83 -3.44
C SER C 52 -3.10 26.83 -4.10
N ALA C 53 -2.65 26.46 -5.30
CA ALA C 53 -1.79 27.34 -6.10
C ALA C 53 -2.45 28.70 -6.37
N THR C 54 -3.74 28.71 -6.73
CA THR C 54 -4.39 30.00 -6.95
C THR C 54 -4.59 30.74 -5.63
N GLY C 55 -4.56 30.04 -4.51
CA GLY C 55 -4.88 30.65 -3.24
C GLY C 55 -6.37 30.71 -2.94
N LEU C 56 -7.21 30.17 -3.81
CA LEU C 56 -8.66 30.32 -3.64
C LEU C 56 -9.26 29.24 -2.75
N SER C 57 -8.52 28.16 -2.49
CA SER C 57 -9.02 27.06 -1.66
C SER C 57 -8.02 26.81 -0.54
N THR C 58 -8.53 26.69 0.68
CA THR C 58 -7.72 26.28 1.82
C THR C 58 -8.51 25.22 2.58
N TYR C 59 -7.80 24.25 3.17
CA TYR C 59 -8.43 23.19 3.95
C TYR C 59 -7.60 22.95 5.20
N PHE C 60 -8.26 22.53 6.28
CA PHE C 60 -7.60 22.27 7.55
C PHE C 60 -8.06 20.95 8.14
N ALA C 61 -7.13 20.25 8.81
CA ALA C 61 -7.51 19.07 9.57
C ALA C 61 -8.51 19.41 10.66
N ASP C 62 -9.42 18.47 10.94
CA ASP C 62 -10.46 18.71 11.93
C ASP C 62 -9.89 19.17 13.27
N SER C 63 -8.72 18.65 13.65
CA SER C 63 -8.20 18.98 14.97
C SER C 63 -7.62 20.39 15.08
N VAL C 64 -7.44 21.11 13.97
CA VAL C 64 -6.96 22.48 14.02
C VAL C 64 -7.95 23.48 13.45
N LYS C 65 -9.12 23.03 12.98
CA LYS C 65 -10.11 23.94 12.43
C LYS C 65 -10.53 24.97 13.46
N GLY C 66 -10.70 26.21 13.00
CA GLY C 66 -11.02 27.32 13.87
C GLY C 66 -9.85 27.86 14.66
N ARG C 67 -8.69 27.21 14.65
CA ARG C 67 -7.55 27.70 15.41
C ARG C 67 -6.36 28.09 14.54
N PHE C 68 -6.21 27.49 13.36
CA PHE C 68 -5.09 27.77 12.47
C PHE C 68 -5.58 28.53 11.25
N THR C 69 -4.76 29.44 10.73
CA THR C 69 -5.07 30.11 9.49
C THR C 69 -3.82 30.14 8.62
N ILE C 70 -4.01 30.31 7.32
N ILE C 70 -4.02 30.25 7.31
CA ILE C 70 -2.91 30.27 6.37
CA ILE C 70 -2.94 30.29 6.34
C ILE C 70 -3.01 31.49 5.45
C ILE C 70 -3.02 31.59 5.57
N SER C 71 -1.86 32.13 5.20
CA SER C 71 -1.81 33.30 4.32
C SER C 71 -0.53 33.24 3.50
N ARG C 72 -0.52 33.98 2.39
CA ARG C 72 0.64 33.99 1.50
C ARG C 72 0.98 35.44 1.17
N ASP C 73 2.27 35.76 1.22
CA ASP C 73 2.78 37.05 0.75
C ASP C 73 3.36 36.79 -0.64
N THR C 74 2.66 37.26 -1.68
CA THR C 74 3.04 36.85 -3.04
C THR C 74 4.35 37.51 -3.47
N THR C 75 4.59 38.75 -3.07
CA THR C 75 5.80 39.42 -3.51
C THR C 75 7.01 39.05 -2.65
N LYS C 76 6.79 38.65 -1.41
CA LYS C 76 7.86 38.10 -0.60
C LYS C 76 8.03 36.62 -0.83
N ASN C 77 7.08 35.98 -1.52
CA ASN C 77 7.17 34.56 -1.85
C ASN C 77 7.31 33.71 -0.59
N THR C 78 6.45 34.00 0.39
CA THR C 78 6.50 33.37 1.69
C THR C 78 5.08 33.00 2.11
N LEU C 79 4.96 31.83 2.74
CA LEU C 79 3.71 31.27 3.21
C LEU C 79 3.72 31.25 4.74
N TYR C 80 2.58 31.58 5.37
CA TYR C 80 2.52 31.72 6.82
C TYR C 80 1.43 30.83 7.38
N LEU C 81 1.73 30.13 8.48
CA LEU C 81 0.74 29.37 9.24
C LEU C 81 0.61 30.04 10.61
N GLN C 82 -0.55 30.64 10.85
CA GLN C 82 -0.84 31.28 12.13
C GLN C 82 -1.56 30.26 13.01
N MET C 83 -0.94 29.94 14.16
CA MET C 83 -1.49 28.96 15.09
C MET C 83 -1.96 29.68 16.34
N ASN C 84 -3.24 29.52 16.69
CA ASN C 84 -3.82 30.13 17.88
C ASN C 84 -4.35 29.06 18.81
N SER C 85 -4.58 29.46 20.06
CA SER C 85 -5.15 28.60 21.10
C SER C 85 -4.42 27.26 21.14
N LEU C 86 -3.09 27.33 21.22
CA LEU C 86 -2.29 26.12 21.18
C LEU C 86 -2.47 25.30 22.45
N ARG C 87 -2.47 23.98 22.31
CA ARG C 87 -2.55 23.07 23.44
C ARG C 87 -1.36 22.12 23.42
N ALA C 88 -1.20 21.39 24.52
CA ALA C 88 -0.01 20.56 24.71
C ALA C 88 0.19 19.57 23.56
N ASP C 89 -0.89 19.01 23.02
CA ASP C 89 -0.74 18.02 21.95
C ASP C 89 -0.55 18.64 20.57
N ASP C 90 -0.41 19.97 20.45
CA ASP C 90 0.09 20.55 19.22
C ASP C 90 1.62 20.51 19.15
N THR C 91 2.29 20.04 20.20
CA THR C 91 3.75 19.93 20.19
C THR C 91 4.20 18.96 19.09
N ALA C 92 5.08 19.43 18.21
CA ALA C 92 5.46 18.64 17.05
C ALA C 92 6.50 19.40 16.24
N VAL C 93 7.17 18.68 15.34
CA VAL C 93 7.90 19.29 14.24
C VAL C 93 6.92 19.53 13.09
N TYR C 94 6.87 20.76 12.62
CA TYR C 94 6.00 21.17 11.53
C TYR C 94 6.81 21.30 10.25
N PHE C 95 6.37 20.61 9.20
CA PHE C 95 7.00 20.65 7.89
C PHE C 95 6.07 21.32 6.89
N CYS C 96 6.63 22.12 5.99
N CYS C 96 6.65 22.11 6.01
CA CYS C 96 5.87 22.57 4.83
CA CYS C 96 5.93 22.55 4.82
C CYS C 96 6.29 21.72 3.64
C CYS C 96 6.27 21.59 3.70
N ALA C 97 5.32 21.38 2.79
CA ALA C 97 5.53 20.44 1.70
C ALA C 97 4.82 20.93 0.46
N ARG C 98 5.50 20.82 -0.67
CA ARG C 98 4.94 21.27 -1.94
C ARG C 98 4.20 20.11 -2.61
N MET C 99 2.98 20.36 -3.09
CA MET C 99 2.28 19.40 -3.95
C MET C 99 2.89 19.36 -5.34
N ARG C 100 3.05 18.15 -5.91
CA ARG C 100 3.65 18.02 -7.24
C ARG C 100 2.77 18.65 -8.33
N ARG C 101 1.46 18.42 -8.31
CA ARG C 101 0.56 18.86 -9.38
C ARG C 101 -0.64 19.58 -8.77
N THR C 102 -1.28 20.45 -9.56
CA THR C 102 -2.43 21.22 -9.09
C THR C 102 -3.77 20.51 -9.33
N MET C 103 -3.76 19.22 -9.62
CA MET C 103 -4.96 18.40 -9.68
C MET C 103 -5.33 17.91 -8.28
N ILE C 104 -6.59 17.48 -8.10
CA ILE C 104 -6.96 16.88 -6.82
C ILE C 104 -6.07 15.68 -6.52
N ALA C 105 -5.84 14.82 -7.52
CA ALA C 105 -4.84 13.77 -7.39
C ALA C 105 -3.48 14.42 -7.60
N PHE C 106 -2.93 14.97 -6.53
CA PHE C 106 -1.82 15.93 -6.65
C PHE C 106 -0.46 15.27 -6.83
N GLY C 107 -0.38 13.94 -6.79
CA GLY C 107 0.81 13.24 -7.23
C GLY C 107 1.94 13.20 -6.22
N GLY C 108 1.64 13.30 -4.92
CA GLY C 108 2.67 13.30 -3.91
C GLY C 108 3.26 14.68 -3.64
N ASN C 109 4.06 14.75 -2.60
CA ASN C 109 4.70 15.98 -2.13
C ASN C 109 6.19 15.88 -2.44
N ASP C 110 6.66 16.65 -3.43
CA ASP C 110 8.01 16.42 -3.93
C ASP C 110 9.10 17.16 -3.16
N PHE C 111 8.80 18.30 -2.55
CA PHE C 111 9.83 19.03 -1.80
C PHE C 111 9.27 19.35 -0.43
N TRP C 112 10.11 19.23 0.58
CA TRP C 112 9.73 19.41 1.98
C TRP C 112 10.72 20.38 2.62
N GLY C 113 10.24 21.23 3.52
CA GLY C 113 11.14 22.03 4.32
C GLY C 113 11.85 21.16 5.33
N GLN C 114 12.78 21.79 6.07
CA GLN C 114 13.56 21.02 7.03
C GLN C 114 12.81 20.77 8.34
N GLY C 115 11.70 21.45 8.56
CA GLY C 115 10.91 21.25 9.77
C GLY C 115 11.29 22.25 10.85
N THR C 116 10.32 22.72 11.62
CA THR C 116 10.58 23.59 12.75
C THR C 116 9.80 23.06 13.96
N LEU C 117 10.50 22.99 15.10
CA LEU C 117 9.95 22.37 16.30
C LEU C 117 9.10 23.37 17.06
N VAL C 118 7.86 22.99 17.35
CA VAL C 118 6.96 23.77 18.21
C VAL C 118 6.71 22.97 19.50
N THR C 119 7.06 23.56 20.64
CA THR C 119 6.82 22.96 21.94
C THR C 119 5.80 23.80 22.71
N VAL C 120 4.72 23.16 23.17
CA VAL C 120 3.68 23.81 23.93
C VAL C 120 3.67 23.21 25.33
N SER C 121 4.02 24.01 26.33
CA SER C 121 4.22 23.49 27.69
C SER C 121 4.12 24.62 28.71
N SER C 122 3.59 24.27 29.89
CA SER C 122 3.52 25.21 31.01
C SER C 122 4.87 25.41 31.70
N ALA C 123 5.77 24.43 31.60
CA ALA C 123 6.92 24.38 32.49
C ALA C 123 7.85 25.58 32.28
N SER C 124 8.60 25.92 33.31
CA SER C 124 9.55 27.02 33.28
C SER C 124 10.96 26.51 32.98
N THR C 125 11.76 27.37 32.36
CA THR C 125 13.17 27.07 32.12
C THR C 125 13.84 26.64 33.42
N LYS C 126 14.45 25.45 33.40
CA LYS C 126 14.93 24.83 34.62
C LYS C 126 16.18 24.02 34.31
N GLY C 127 17.28 24.34 34.99
CA GLY C 127 18.53 23.64 34.81
C GLY C 127 18.50 22.26 35.42
N PRO C 128 19.32 21.35 34.91
CA PRO C 128 19.26 19.97 35.35
C PRO C 128 20.09 19.70 36.60
N SER C 129 19.58 18.80 37.44
CA SER C 129 20.37 18.23 38.51
C SER C 129 21.13 17.03 37.98
N VAL C 130 22.41 16.94 38.32
CA VAL C 130 23.29 15.89 37.81
C VAL C 130 23.73 15.03 38.97
N PHE C 131 23.55 13.71 38.82
CA PHE C 131 23.88 12.76 39.89
C PHE C 131 24.83 11.66 39.42
N LEU C 132 29.51 2.65 34.75
CA LEU C 132 29.23 3.89 35.46
C LEU C 132 28.54 4.91 34.54
N GLY C 133 28.04 5.99 35.11
CA GLY C 133 27.35 6.99 34.32
C GLY C 133 26.90 8.17 35.14
N CYS C 134 25.96 8.93 34.56
CA CYS C 134 25.40 10.12 35.17
C CYS C 134 23.90 10.13 34.92
N LEU C 135 23.16 10.67 35.88
CA LEU C 135 21.73 10.87 35.72
C LEU C 135 21.47 12.37 35.65
N VAL C 136 20.82 12.82 34.58
CA VAL C 136 20.58 14.24 34.34
C VAL C 136 19.07 14.44 34.49
N LYS C 137 18.64 14.96 35.63
CA LYS C 137 17.25 14.88 36.04
C LYS C 137 16.60 16.25 36.07
N ASP C 138 15.36 16.31 35.55
CA ASP C 138 14.42 17.40 35.80
C ASP C 138 14.85 18.73 35.17
N TYR C 139 14.88 18.81 33.85
CA TYR C 139 15.26 20.04 33.18
C TYR C 139 14.23 20.38 32.11
N PHE C 140 14.29 21.63 31.64
CA PHE C 140 13.40 22.15 30.60
C PHE C 140 13.99 23.45 30.07
N PRO C 141 13.92 23.71 28.75
CA PRO C 141 13.48 22.78 27.71
C PRO C 141 14.61 21.91 27.22
N GLU C 142 14.36 21.13 26.17
CA GLU C 142 15.44 20.48 25.46
C GLU C 142 16.28 21.51 24.70
N PRO C 143 17.54 21.17 24.36
CA PRO C 143 18.25 19.92 24.59
C PRO C 143 19.33 20.03 25.68
N VAL C 144 19.84 18.88 26.09
CA VAL C 144 21.05 18.79 26.90
C VAL C 144 22.07 18.02 26.07
N THR C 145 23.33 18.44 26.16
CA THR C 145 24.42 17.66 25.59
C THR C 145 25.28 17.10 26.70
N VAL C 146 25.88 15.94 26.44
CA VAL C 146 26.69 15.23 27.42
C VAL C 146 27.96 14.73 26.74
N SER C 147 29.09 14.92 27.41
CA SER C 147 30.35 14.33 26.98
C SER C 147 31.07 13.77 28.20
N TRP C 148 32.06 12.92 27.94
CA TRP C 148 32.88 12.32 28.98
C TRP C 148 34.33 12.75 28.81
N ASN C 149 34.93 13.21 29.91
CA ASN C 149 36.33 13.64 29.94
C ASN C 149 36.66 14.61 28.80
N SER C 150 35.80 15.62 28.65
CA SER C 150 35.99 16.71 27.68
C SER C 150 36.09 16.21 26.23
N GLY C 151 35.59 15.01 25.95
CA GLY C 151 35.65 14.43 24.62
C GLY C 151 36.72 13.38 24.43
N ALA C 152 37.62 13.20 25.40
CA ALA C 152 38.61 12.13 25.37
C ALA C 152 37.95 10.75 25.34
N THR C 153 34.92 8.66 24.17
CA THR C 153 33.77 8.46 23.28
C THR C 153 33.43 6.99 23.07
N SER C 154 34.41 6.12 23.30
CA SER C 154 34.25 4.69 23.09
C SER C 154 33.41 4.07 24.21
N GLY C 155 32.36 3.36 23.84
CA GLY C 155 31.50 2.72 24.82
C GLY C 155 30.55 3.66 25.52
N VAL C 156 30.36 4.87 24.99
CA VAL C 156 29.45 5.85 25.56
C VAL C 156 28.07 5.67 24.93
N HIS C 157 27.04 5.63 25.76
CA HIS C 157 25.66 5.66 25.31
C HIS C 157 24.94 6.77 26.05
N THR C 158 24.44 7.75 25.30
CA THR C 158 23.60 8.81 25.86
C THR C 158 22.17 8.58 25.37
N PHE C 159 21.25 8.41 26.32
CA PHE C 159 19.90 7.99 25.97
C PHE C 159 19.05 9.19 25.57
N PRO C 160 18.07 8.99 24.69
CA PRO C 160 17.06 10.04 24.46
C PRO C 160 16.37 10.40 25.76
N ALA C 161 16.02 11.69 25.88
CA ALA C 161 15.34 12.14 27.09
C ALA C 161 13.93 11.57 27.16
N VAL C 162 13.47 11.34 28.38
CA VAL C 162 12.08 10.97 28.62
C VAL C 162 11.37 12.19 29.19
N LEU C 163 10.15 12.40 28.74
CA LEU C 163 9.26 13.40 29.34
C LEU C 163 8.56 12.83 30.56
N GLN C 164 8.79 13.42 31.72
CA GLN C 164 8.18 12.91 32.93
C GLN C 164 6.79 13.51 33.11
N SER C 165 6.01 12.93 34.04
CA SER C 165 4.66 13.41 34.29
C SER C 165 4.66 14.83 34.84
N SER C 166 5.75 15.25 35.50
CA SER C 166 5.91 16.63 35.95
C SER C 166 5.97 17.63 34.81
N GLY C 167 6.19 17.19 33.57
CA GLY C 167 6.47 18.07 32.47
C GLY C 167 7.92 18.43 32.25
N LEU C 168 8.82 17.93 33.09
CA LEU C 168 10.26 18.10 32.95
C LEU C 168 10.87 16.86 32.29
N TYR C 169 12.09 17.05 31.75
CA TYR C 169 12.83 15.98 31.10
C TYR C 169 13.86 15.36 32.05
N SER C 170 14.21 14.11 31.75
CA SER C 170 15.35 13.42 32.34
C SER C 170 15.99 12.57 31.26
N LEU C 171 17.30 12.36 31.39
CA LEU C 171 18.00 11.43 30.52
C LEU C 171 19.11 10.75 31.31
N SER C 172 19.71 9.74 30.69
CA SER C 172 20.86 9.08 31.27
C SER C 172 21.96 9.00 30.24
N SER C 173 23.21 8.99 30.73
CA SER C 173 24.37 8.68 29.91
C SER C 173 25.22 7.66 30.64
N VAL C 174 25.67 6.63 29.93
CA VAL C 174 26.44 5.54 30.53
C VAL C 174 27.66 5.26 29.67
N VAL C 175 28.69 4.70 30.29
CA VAL C 175 29.87 4.22 29.57
C VAL C 175 30.33 2.92 30.21
N THR C 176 30.80 1.99 29.38
CA THR C 176 31.40 0.75 29.83
C THR C 176 32.92 0.86 29.78
N VAL C 177 33.58 0.45 30.86
CA VAL C 177 35.03 0.57 30.96
C VAL C 177 35.60 -0.72 31.52
N PRO C 178 36.92 -0.92 31.40
CA PRO C 178 37.60 -2.05 32.04
C PRO C 178 37.66 -1.92 33.56
N TYR C 179 36.99 9.49 35.94
CA TYR C 179 35.88 9.69 35.01
C TYR C 179 35.04 10.90 35.39
N ILE C 180 34.93 11.86 34.47
CA ILE C 180 34.22 13.11 34.70
C ILE C 180 33.20 13.30 33.57
N CYS C 181 31.96 13.59 33.95
CA CYS C 181 30.88 13.77 32.99
C CYS C 181 30.57 15.25 32.83
N ASN C 182 30.55 15.71 31.58
CA ASN C 182 30.37 17.13 31.25
C ASN C 182 28.96 17.33 30.69
N VAL C 183 28.15 18.11 31.40
CA VAL C 183 26.75 18.33 31.08
C VAL C 183 26.55 19.80 30.74
N ASN C 184 25.90 20.06 29.60
CA ASN C 184 25.69 21.42 29.12
C ASN C 184 24.21 21.60 28.79
N HIS C 185 23.57 22.55 29.46
CA HIS C 185 22.19 22.94 29.20
C HIS C 185 22.18 24.42 28.83
N LYS C 186 22.39 24.71 27.54
CA LYS C 186 22.45 26.09 27.09
C LYS C 186 21.20 26.91 27.39
N PRO C 187 19.97 26.38 27.33
CA PRO C 187 18.80 27.22 27.67
C PRO C 187 18.83 27.85 29.05
N SER C 188 19.50 27.23 30.03
CA SER C 188 19.60 27.80 31.37
C SER C 188 21.02 28.21 31.73
N ASN C 189 21.93 28.22 30.75
CA ASN C 189 23.35 28.53 30.95
C ASN C 189 23.95 27.73 32.10
N THR C 190 23.69 26.43 32.11
CA THR C 190 24.20 25.53 33.13
C THR C 190 25.30 24.65 32.54
N LYS C 191 26.46 24.64 33.17
CA LYS C 191 27.53 23.71 32.85
C LYS C 191 27.94 23.02 34.14
N VAL C 192 28.02 21.69 34.10
CA VAL C 192 28.40 20.89 35.27
C VAL C 192 29.42 19.85 34.85
N ASP C 193 30.44 19.68 35.68
CA ASP C 193 31.38 18.57 35.56
C ASP C 193 31.31 17.76 36.84
N LYS C 194 30.98 16.47 36.71
CA LYS C 194 30.78 15.61 37.88
C LYS C 194 31.67 14.38 37.81
N GLU D 1 -12.59 9.18 6.74
CA GLU D 1 -11.22 9.27 6.27
C GLU D 1 -10.73 7.89 5.81
N VAL D 2 -9.82 7.87 4.84
CA VAL D 2 -9.21 6.62 4.44
C VAL D 2 -8.13 6.26 5.45
N VAL D 3 -8.24 5.11 6.06
CA VAL D 3 -7.21 4.61 6.97
C VAL D 3 -6.19 3.83 6.17
N MET D 4 -4.92 4.18 6.32
CA MET D 4 -3.83 3.47 5.67
C MET D 4 -3.12 2.64 6.73
N THR D 5 -2.99 1.34 6.50
CA THR D 5 -2.40 0.44 7.49
C THR D 5 -1.15 -0.19 6.90
N GLN D 6 -0.01 0.08 7.52
CA GLN D 6 1.26 -0.49 7.06
C GLN D 6 1.66 -1.68 7.91
N SER D 7 2.16 -2.72 7.26
CA SER D 7 2.69 -3.91 7.90
C SER D 7 4.02 -4.30 7.24
N PRO D 8 4.92 -4.95 8.00
CA PRO D 8 4.84 -5.03 9.46
C PRO D 8 5.32 -3.69 10.02
N ALA D 9 5.23 -3.45 11.33
CA ALA D 9 5.74 -2.19 11.87
C ALA D 9 7.25 -2.12 11.79
N THR D 10 7.90 -3.28 11.85
CA THR D 10 9.35 -3.37 11.82
C THR D 10 9.72 -4.53 10.90
N LEU D 11 10.74 -4.31 10.08
CA LEU D 11 11.26 -5.35 9.21
C LEU D 11 12.77 -5.39 9.38
N SER D 12 13.29 -6.57 9.68
N SER D 12 13.30 -6.57 9.69
CA SER D 12 14.73 -6.75 9.88
CA SER D 12 14.73 -6.77 9.89
C SER D 12 15.33 -7.38 8.63
C SER D 12 15.32 -7.37 8.63
N VAL D 13 16.38 -6.74 8.10
CA VAL D 13 17.00 -7.15 6.85
C VAL D 13 18.49 -7.30 7.07
N SER D 14 19.06 -8.38 6.54
CA SER D 14 20.50 -8.51 6.51
C SER D 14 21.09 -7.57 5.46
N PRO D 15 22.23 -6.96 5.73
CA PRO D 15 22.82 -6.05 4.73
C PRO D 15 23.07 -6.76 3.41
N GLY D 16 22.87 -6.06 2.31
CA GLY D 16 22.98 -6.65 1.00
C GLY D 16 21.76 -7.43 0.53
N GLU D 17 20.69 -7.49 1.32
CA GLU D 17 19.46 -8.13 0.91
C GLU D 17 18.42 -7.07 0.60
N GLY D 18 17.32 -7.51 -0.01
CA GLY D 18 16.23 -6.63 -0.35
C GLY D 18 15.12 -6.65 0.69
N ALA D 19 14.09 -5.86 0.45
CA ALA D 19 12.95 -5.80 1.34
C ALA D 19 11.70 -5.41 0.55
N THR D 20 10.55 -5.89 1.02
CA THR D 20 9.26 -5.49 0.49
C THR D 20 8.39 -5.01 1.65
N LEU D 21 7.82 -3.81 1.51
CA LEU D 21 6.95 -3.22 2.52
C LEU D 21 5.54 -3.14 1.95
N SER D 22 4.54 -3.21 2.82
CA SER D 22 3.15 -3.31 2.41
C SER D 22 2.33 -2.18 3.03
N CYS D 23 1.23 -1.83 2.35
N CYS D 23 1.32 -1.78 2.29
CA CYS D 23 0.32 -0.79 2.84
CA CYS D 23 0.28 -0.95 2.87
C CYS D 23 -1.08 -1.08 2.29
C CYS D 23 -1.05 -1.45 2.38
N ARG D 24 -2.06 -1.21 3.20
CA ARG D 24 -3.45 -1.54 2.85
C ARG D 24 -4.31 -0.31 3.12
N ALA D 25 -5.22 0.01 2.20
CA ALA D 25 -6.17 1.11 2.41
C ALA D 25 -7.54 0.57 2.82
N SER D 26 -8.25 1.34 3.66
CA SER D 26 -9.56 0.91 4.15
C SER D 26 -10.67 0.95 3.09
N GLN D 27 -10.46 1.64 1.97
CA GLN D 27 -11.39 1.64 0.85
C GLN D 27 -10.54 1.77 -0.42
N SER D 28 -11.14 1.49 -1.58
CA SER D 28 -10.36 1.51 -2.81
C SER D 28 -9.88 2.93 -3.11
N VAL D 29 -8.59 3.06 -3.44
CA VAL D 29 -8.01 4.36 -3.81
C VAL D 29 -7.30 4.33 -5.18
N ASN D 30 -7.67 3.36 -6.03
CA ASN D 30 -7.08 3.21 -7.38
C ASN D 30 -5.56 3.20 -7.28
N THR D 31 -4.85 4.15 -7.89
CA THR D 31 -3.39 4.19 -7.74
C THR D 31 -2.89 5.51 -7.14
N ASN D 32 -3.74 6.23 -6.41
CA ASN D 32 -3.41 7.55 -5.90
C ASN D 32 -2.69 7.43 -4.55
N VAL D 33 -1.48 6.86 -4.61
CA VAL D 33 -0.70 6.53 -3.42
C VAL D 33 0.76 6.93 -3.64
N ALA D 34 1.41 7.43 -2.60
CA ALA D 34 2.83 7.80 -2.66
C ALA D 34 3.56 7.18 -1.47
N TRP D 35 4.87 6.95 -1.63
CA TRP D 35 5.73 6.41 -0.58
C TRP D 35 6.85 7.40 -0.25
N TYR D 36 7.18 7.52 1.04
CA TYR D 36 8.20 8.45 1.53
C TYR D 36 9.19 7.69 2.40
N GLN D 37 10.42 8.15 2.36
CA GLN D 37 11.48 7.70 3.26
C GLN D 37 11.80 8.81 4.26
N GLN D 38 11.96 8.45 5.53
CA GLN D 38 12.38 9.44 6.52
C GLN D 38 13.52 8.87 7.34
N LYS D 39 14.67 9.49 7.26
CA LYS D 39 15.83 9.19 8.08
C LYS D 39 15.78 10.04 9.35
N PRO D 40 16.41 9.57 10.43
CA PRO D 40 16.27 10.27 11.73
C PRO D 40 16.71 11.73 11.65
N GLY D 41 15.89 12.61 12.20
CA GLY D 41 16.17 14.03 12.22
C GLY D 41 15.98 14.76 10.91
N GLN D 42 15.49 14.10 9.86
CA GLN D 42 15.37 14.71 8.55
C GLN D 42 13.91 14.78 8.12
N ALA D 43 13.67 15.54 7.06
CA ALA D 43 12.35 15.61 6.43
C ALA D 43 12.10 14.38 5.56
N PRO D 44 10.84 14.02 5.36
CA PRO D 44 10.53 12.93 4.42
C PRO D 44 11.00 13.23 3.01
N ARG D 45 11.26 12.17 2.25
CA ARG D 45 11.69 12.27 0.87
C ARG D 45 10.75 11.41 0.03
N LEU D 46 10.20 12.00 -1.02
CA LEU D 46 9.28 11.29 -1.90
C LEU D 46 10.04 10.25 -2.74
N LEU D 47 9.55 9.01 -2.74
CA LEU D 47 10.21 7.93 -3.50
C LEU D 47 9.41 7.52 -4.72
N ILE D 48 8.11 7.33 -4.54
CA ILE D 48 7.22 6.73 -5.52
C ILE D 48 5.91 7.51 -5.43
N TYR D 49 5.32 7.85 -6.58
CA TYR D 49 3.94 8.34 -6.57
C TYR D 49 3.13 7.60 -7.64
N GLY D 50 1.81 7.79 -7.61
CA GLY D 50 0.97 7.04 -8.53
C GLY D 50 1.15 5.55 -8.39
N ALA D 51 1.44 5.08 -7.17
CA ALA D 51 1.66 3.68 -6.83
C ALA D 51 2.95 3.11 -7.43
N SER D 52 3.32 3.49 -8.65
CA SER D 52 4.43 2.81 -9.29
C SER D 52 5.42 3.71 -10.02
N THR D 53 5.26 5.04 -10.00
CA THR D 53 6.16 5.93 -10.72
C THR D 53 7.27 6.41 -9.80
N ARG D 54 8.51 6.15 -10.18
CA ARG D 54 9.64 6.57 -9.37
C ARG D 54 9.83 8.07 -9.49
N ALA D 55 10.05 8.76 -8.37
CA ALA D 55 10.24 10.21 -8.42
C ALA D 55 11.61 10.54 -9.02
N THR D 56 11.72 11.75 -9.58
N THR D 56 11.71 11.75 -9.59
N THR D 56 11.71 11.75 -9.59
CA THR D 56 12.98 12.14 -10.21
CA THR D 56 12.98 12.16 -10.19
CA THR D 56 12.97 12.17 -10.20
C THR D 56 14.10 12.15 -9.18
C THR D 56 14.10 12.16 -9.17
C THR D 56 14.10 12.17 -9.17
N GLY D 57 15.27 11.69 -9.59
CA GLY D 57 16.42 11.60 -8.72
C GLY D 57 16.44 10.40 -7.78
N ILE D 58 15.42 9.55 -7.79
CA ILE D 58 15.39 8.42 -6.87
C ILE D 58 16.07 7.23 -7.55
N PRO D 59 16.95 6.50 -6.85
CA PRO D 59 17.66 5.39 -7.51
C PRO D 59 16.72 4.24 -7.88
N ALA D 60 17.15 3.50 -8.91
CA ALA D 60 16.36 2.42 -9.49
C ALA D 60 16.11 1.26 -8.54
N ARG D 61 16.87 1.15 -7.44
CA ARG D 61 16.57 0.04 -6.54
C ARG D 61 15.22 0.20 -5.84
N PHE D 62 14.59 1.38 -5.88
CA PHE D 62 13.26 1.58 -5.31
C PHE D 62 12.20 1.35 -6.38
N SER D 63 11.19 0.54 -6.05
CA SER D 63 10.08 0.40 -7.00
C SER D 63 8.80 0.13 -6.23
N GLY D 64 7.66 0.43 -6.85
CA GLY D 64 6.39 0.32 -6.19
C GLY D 64 5.38 -0.38 -7.08
N SER D 65 4.34 -0.91 -6.45
N SER D 65 4.34 -0.91 -6.45
CA SER D 65 3.28 -1.58 -7.18
CA SER D 65 3.26 -1.53 -7.21
C SER D 65 2.02 -1.62 -6.34
C SER D 65 1.99 -1.50 -6.37
N GLY D 66 0.90 -1.88 -7.00
CA GLY D 66 -0.38 -2.03 -6.34
C GLY D 66 -1.44 -1.16 -6.97
N SER D 67 -2.68 -1.45 -6.59
N SER D 67 -2.67 -1.46 -6.59
CA SER D 67 -3.86 -0.72 -7.04
CA SER D 67 -3.85 -0.71 -7.00
C SER D 67 -4.99 -1.15 -6.11
C SER D 67 -4.96 -1.13 -6.06
N GLY D 68 -6.02 -0.33 -6.04
CA GLY D 68 -7.20 -0.74 -5.27
C GLY D 68 -6.97 -0.51 -3.80
N THR D 69 -6.75 -1.56 -3.03
CA THR D 69 -6.50 -1.39 -1.60
C THR D 69 -5.13 -1.92 -1.13
N GLU D 70 -4.33 -2.55 -1.99
CA GLU D 70 -3.07 -3.17 -1.57
C GLU D 70 -1.92 -2.59 -2.38
N PHE D 71 -0.86 -2.15 -1.68
CA PHE D 71 0.26 -1.43 -2.28
C PHE D 71 1.55 -1.97 -1.67
N THR D 72 2.63 -1.97 -2.46
CA THR D 72 3.91 -2.43 -1.95
C THR D 72 5.02 -1.49 -2.42
N LEU D 73 6.08 -1.44 -1.61
CA LEU D 73 7.33 -0.78 -1.93
C LEU D 73 8.43 -1.82 -1.84
N THR D 74 9.23 -1.94 -2.90
CA THR D 74 10.33 -2.90 -2.93
C THR D 74 11.64 -2.13 -2.99
N ILE D 75 12.60 -2.57 -2.20
CA ILE D 75 13.98 -2.08 -2.28
C ILE D 75 14.83 -3.29 -2.63
N SER D 76 15.36 -3.31 -3.85
CA SER D 76 15.94 -4.55 -4.37
C SER D 76 17.21 -4.95 -3.61
N THR D 77 18.01 -3.97 -3.18
CA THR D 77 19.20 -4.24 -2.38
C THR D 77 19.39 -3.07 -1.43
N LEU D 78 19.34 -3.32 -0.13
CA LEU D 78 19.44 -2.22 0.82
C LEU D 78 20.88 -1.77 0.94
N GLN D 79 21.07 -0.46 0.94
CA GLN D 79 22.37 0.11 1.29
C GLN D 79 22.25 0.73 2.68
N SER D 80 23.41 1.08 3.25
CA SER D 80 23.46 1.43 4.67
C SER D 80 22.49 2.55 5.03
N GLU D 81 22.36 3.54 4.15
N GLU D 81 22.35 3.56 4.17
CA GLU D 81 21.48 4.68 4.40
CA GLU D 81 21.46 4.66 4.51
C GLU D 81 20.00 4.35 4.21
C GLU D 81 20.00 4.38 4.17
N ASP D 82 19.67 3.20 3.63
CA ASP D 82 18.27 2.86 3.41
C ASP D 82 17.57 2.37 4.67
N PHE D 83 18.30 2.11 5.74
CA PHE D 83 17.69 1.70 7.00
C PHE D 83 17.08 2.93 7.64
N ALA D 84 15.76 3.04 7.58
CA ALA D 84 15.03 4.27 7.86
C ALA D 84 13.57 3.87 8.09
N VAL D 85 12.71 4.87 8.23
CA VAL D 85 11.27 4.67 8.35
C VAL D 85 10.62 5.04 7.02
N TYR D 86 9.63 4.25 6.60
CA TYR D 86 8.95 4.44 5.33
C TYR D 86 7.47 4.63 5.58
N TYR D 87 6.88 5.63 4.92
CA TYR D 87 5.48 5.98 5.08
C TYR D 87 4.76 5.90 3.75
N CYS D 88 3.54 5.39 3.77
N CYS D 88 3.53 5.39 3.79
CA CYS D 88 2.65 5.46 2.62
CA CYS D 88 2.62 5.43 2.67
C CYS D 88 1.60 6.53 2.85
C CYS D 88 1.67 6.62 2.86
N GLN D 89 1.15 7.14 1.75
CA GLN D 89 0.21 8.25 1.78
C GLN D 89 -0.83 8.02 0.70
N GLN D 90 -2.10 8.36 0.95
CA GLN D 90 -3.08 8.32 -0.13
C GLN D 90 -3.57 9.74 -0.42
N TYR D 91 -3.83 10.02 -1.70
CA TYR D 91 -4.40 11.32 -2.07
C TYR D 91 -5.58 11.11 -3.02
N SER D 92 -6.27 9.98 -2.85
CA SER D 92 -7.48 9.70 -3.62
C SER D 92 -8.70 10.38 -3.03
N ASN D 93 -8.75 10.52 -1.71
CA ASN D 93 -9.95 10.97 -1.02
C ASN D 93 -9.47 11.90 0.09
N TRP D 94 -9.59 13.21 -0.14
CA TRP D 94 -9.07 14.18 0.80
C TRP D 94 -9.80 15.48 0.58
N PRO D 95 -9.82 16.38 1.56
CA PRO D 95 -9.27 16.25 2.93
C PRO D 95 -10.04 15.24 3.79
N PRO D 96 -9.37 14.58 4.75
CA PRO D 96 -7.92 14.70 5.03
C PRO D 96 -7.04 13.83 4.16
N ILE D 97 -5.86 14.35 3.86
CA ILE D 97 -4.78 13.52 3.35
C ILE D 97 -4.32 12.61 4.48
N THR D 98 -4.15 11.32 4.21
CA THR D 98 -3.80 10.43 5.31
C THR D 98 -2.55 9.61 4.98
N PHE D 99 -1.81 9.28 6.03
CA PHE D 99 -0.56 8.53 5.99
C PHE D 99 -0.69 7.24 6.80
N GLY D 100 0.04 6.21 6.38
CA GLY D 100 0.23 5.06 7.25
C GLY D 100 1.09 5.46 8.45
N GLN D 101 1.16 4.57 9.44
CA GLN D 101 1.93 4.89 10.65
C GLN D 101 3.41 4.54 10.51
N GLY D 102 3.85 4.06 9.36
CA GLY D 102 5.27 3.86 9.11
C GLY D 102 5.73 2.43 9.33
N THR D 103 6.74 2.03 8.57
CA THR D 103 7.45 0.77 8.77
C THR D 103 8.92 1.09 8.92
N ARG D 104 9.54 0.59 9.98
CA ARG D 104 10.96 0.84 10.23
C ARG D 104 11.77 -0.35 9.71
N LEU D 105 12.79 -0.08 8.89
CA LEU D 105 13.76 -1.09 8.50
C LEU D 105 14.95 -1.05 9.44
N GLU D 106 15.27 -2.21 10.03
CA GLU D 106 16.36 -2.39 10.98
C GLU D 106 17.35 -3.42 10.44
N ILE D 107 18.60 -3.31 10.89
CA ILE D 107 19.64 -4.26 10.51
C ILE D 107 19.44 -5.57 11.25
N LYS D 108 19.45 -6.68 10.53
CA LYS D 108 19.44 -7.98 11.16
C LYS D 108 20.87 -8.41 11.47
N ARG D 109 21.07 -8.93 12.68
CA ARG D 109 22.38 -9.43 13.12
C ARG D 109 22.17 -10.63 14.02
N THR D 110 23.28 -11.17 14.53
CA THR D 110 23.24 -12.33 15.40
C THR D 110 22.63 -11.98 16.75
N VAL D 111 21.89 -12.94 17.33
CA VAL D 111 21.30 -12.76 18.66
C VAL D 111 22.41 -12.50 19.66
N ALA D 112 22.20 -11.51 20.53
CA ALA D 112 23.18 -11.11 21.53
C ALA D 112 22.47 -10.73 22.82
N ALA D 113 22.86 -11.38 23.93
CA ALA D 113 22.30 -11.14 25.26
C ALA D 113 22.82 -9.84 25.86
N PRO D 114 21.99 -9.13 26.62
CA PRO D 114 22.43 -7.89 27.28
C PRO D 114 23.37 -8.13 28.44
N SER D 115 24.27 -7.18 28.65
CA SER D 115 24.94 -7.02 29.94
C SER D 115 24.08 -6.13 30.84
N VAL D 116 23.89 -6.56 32.09
CA VAL D 116 22.95 -5.91 33.00
C VAL D 116 23.69 -5.25 34.15
N PHE D 117 23.33 -3.99 34.44
CA PHE D 117 23.87 -3.21 35.54
C PHE D 117 22.73 -2.52 36.29
N ILE D 118 22.86 -2.44 37.62
CA ILE D 118 21.88 -1.75 38.46
C ILE D 118 22.62 -0.66 39.23
N PHE D 119 21.95 0.49 39.42
CA PHE D 119 22.60 1.63 40.05
C PHE D 119 21.75 2.19 41.18
N PRO D 120 22.28 2.26 42.40
CA PRO D 120 21.57 2.92 43.51
C PRO D 120 21.60 4.42 43.33
N PRO D 121 20.73 5.17 44.03
CA PRO D 121 20.82 6.64 43.99
C PRO D 121 22.09 7.14 44.68
CA THR D 122 13.12 11.53 45.39
C THR D 122 14.32 10.57 45.33
N ALA D 123 14.06 9.34 44.90
CA ALA D 123 15.11 8.34 44.70
C ALA D 123 14.92 7.72 43.32
N SER D 124 15.99 7.71 42.53
CA SER D 124 16.00 7.06 41.22
C SER D 124 16.89 5.83 41.26
N VAL D 125 16.32 4.68 40.91
CA VAL D 125 17.04 3.43 40.71
C VAL D 125 17.13 3.17 39.23
N VAL D 126 18.33 2.85 38.74
CA VAL D 126 18.60 2.74 37.32
C VAL D 126 19.07 1.32 36.99
N CYS D 127 18.42 0.72 36.00
N CYS D 127 18.44 0.74 35.97
CA CYS D 127 18.84 -0.55 35.44
CA CYS D 127 18.83 -0.56 35.44
C CYS D 127 19.28 -0.33 33.99
C CYS D 127 19.26 -0.38 33.98
N LEU D 128 20.46 -0.86 33.64
CA LEU D 128 21.03 -0.68 32.31
C LEU D 128 21.18 -2.03 31.63
N LEU D 129 20.69 -2.15 30.41
CA LEU D 129 20.89 -3.30 29.54
C LEU D 129 21.75 -2.87 28.36
N ASN D 130 22.97 -3.40 28.26
CA ASN D 130 23.96 -2.90 27.32
C ASN D 130 24.19 -3.90 26.18
N ASN D 131 24.16 -3.38 24.94
CA ASN D 131 24.63 -4.05 23.73
C ASN D 131 23.96 -5.41 23.51
N PHE D 132 22.68 -5.35 23.14
CA PHE D 132 21.90 -6.55 22.94
C PHE D 132 21.13 -6.47 21.61
N TYR D 133 20.63 -7.64 21.18
CA TYR D 133 19.82 -7.79 19.98
C TYR D 133 19.07 -9.12 20.08
N PRO D 134 17.78 -9.17 19.73
CA PRO D 134 16.98 -8.07 19.18
C PRO D 134 16.50 -7.06 20.22
N ARG D 135 15.76 -6.05 19.76
CA ARG D 135 15.39 -4.93 20.61
C ARG D 135 14.38 -5.32 21.67
N GLU D 136 13.50 -6.27 21.38
CA GLU D 136 12.47 -6.68 22.32
C GLU D 136 13.07 -7.26 23.60
N ASN D 137 5.62 3.06 37.91
CA ASN D 137 6.60 3.99 38.48
C ASN D 137 7.98 3.81 37.85
N SER D 138 8.02 3.33 36.61
CA SER D 138 9.27 3.20 35.86
C SER D 138 9.07 3.69 34.44
N GLN D 139 10.17 4.13 33.83
CA GLN D 139 10.19 4.49 32.42
C GLN D 139 11.46 3.95 31.78
N GLU D 140 11.34 3.56 30.52
CA GLU D 140 12.45 2.99 29.77
C GLU D 140 12.82 3.89 28.61
N SER D 141 14.09 3.85 28.23
CA SER D 141 14.58 4.55 27.04
C SER D 141 15.53 3.64 26.30
N VAL D 142 15.46 3.66 24.97
CA VAL D 142 16.25 2.77 24.13
C VAL D 142 17.03 3.60 23.12
N THR D 143 18.30 3.28 22.95
CA THR D 143 19.14 3.96 21.99
C THR D 143 18.69 3.62 20.57
N GLU D 144 19.16 4.42 19.62
CA GLU D 144 19.08 4.05 18.22
C GLU D 144 19.98 2.84 18.00
N GLN D 145 19.68 2.05 16.98
CA GLN D 145 20.53 0.91 16.69
C GLN D 145 21.97 1.39 16.46
N ASP D 146 22.91 0.70 17.11
CA ASP D 146 24.31 1.07 17.04
C ASP D 146 24.87 0.87 15.63
N SER D 147 25.55 1.92 15.13
CA SER D 147 25.99 1.93 13.74
C SER D 147 27.18 1.01 13.48
N LYS D 148 27.89 0.58 14.52
CA LYS D 148 29.03 -0.30 14.29
C LYS D 148 28.64 -1.78 14.39
N ASP D 149 27.96 -2.17 15.48
CA ASP D 149 27.64 -3.56 15.74
C ASP D 149 26.15 -3.88 15.71
N SER D 150 25.28 -2.91 15.40
CA SER D 150 23.85 -3.17 15.19
C SER D 150 23.12 -3.62 16.45
N THR D 151 23.68 -3.37 17.62
CA THR D 151 23.05 -3.67 18.89
C THR D 151 22.25 -2.47 19.42
N TYR D 152 21.47 -2.74 20.47
CA TYR D 152 20.70 -1.74 21.19
C TYR D 152 21.18 -1.69 22.64
N SER D 153 20.92 -0.56 23.29
CA SER D 153 21.05 -0.47 24.74
C SER D 153 19.77 0.14 25.31
N LEU D 154 19.51 -0.17 26.57
CA LEU D 154 18.26 0.24 27.20
C LEU D 154 18.54 0.64 28.64
N SER D 155 17.77 1.61 29.13
CA SER D 155 17.83 2.04 30.51
C SER D 155 16.43 2.05 31.08
N SER D 156 16.28 1.54 32.30
CA SER D 156 15.02 1.61 33.03
C SER D 156 15.27 2.34 34.35
N THR D 157 14.43 3.32 34.65
CA THR D 157 14.56 4.13 35.85
C THR D 157 13.33 3.97 36.72
N LEU D 158 13.52 3.49 37.94
CA LEU D 158 12.47 3.40 38.94
C LEU D 158 12.52 4.62 39.85
N THR D 159 11.39 5.31 39.97
CA THR D 159 11.34 6.55 40.74
C THR D 159 10.50 6.43 42.00
S SO4 E . 6.75 -39.94 2.76
O1 SO4 E . 5.67 -39.21 3.42
O2 SO4 E . 7.67 -40.48 3.77
O3 SO4 E . 6.19 -41.06 2.02
O4 SO4 E . 7.46 -39.04 1.85
S SO4 F . 0.74 -40.00 -14.94
O1 SO4 F . 0.34 -39.29 -13.72
O2 SO4 F . 2.16 -40.29 -14.91
O3 SO4 F . 0.39 -39.15 -16.06
O4 SO4 F . 0.05 -41.29 -15.02
S SO4 G . -34.67 23.13 -11.45
O1 SO4 G . -35.07 21.78 -11.84
O2 SO4 G . -33.41 23.10 -10.70
O3 SO4 G . -35.68 23.73 -10.57
O4 SO4 G . -34.51 23.91 -12.67
S SO4 H . -3.16 -18.58 -20.87
O1 SO4 H . -2.40 -18.82 -19.64
O2 SO4 H . -3.33 -19.85 -21.59
O3 SO4 H . -4.48 -18.02 -20.54
O4 SO4 H . -2.43 -17.64 -21.71
S SO4 I . -8.24 26.19 -6.89
O1 SO4 I . -8.36 26.73 -5.55
O2 SO4 I . -7.19 25.17 -6.95
O3 SO4 I . -9.52 25.59 -7.27
O4 SO4 I . -7.86 27.24 -7.84
S SO4 J . 8.19 16.30 -11.97
O1 SO4 J . 7.20 16.29 -10.89
O2 SO4 J . 9.10 15.15 -11.83
O3 SO4 J . 7.51 16.20 -13.27
O4 SO4 J . 8.96 17.54 -11.91
#